data_9DK8
#
_entry.id   9DK8
#
_cell.length_a   1.00
_cell.length_b   1.00
_cell.length_c   1.00
_cell.angle_alpha   90.00
_cell.angle_beta   90.00
_cell.angle_gamma   90.00
#
_symmetry.space_group_name_H-M   'P 1'
#
_entity_poly.entity_id   1
_entity_poly.type   'polypeptide(L)'
_entity_poly.pdbx_seq_one_letter_code
;MACTGPSLPSAFDILGAAGQDKLLYLKHKLKTPRPGCQGQDLLHAMVLLKLGQETEARISLEALKADAVARLVARQWAGV
DSTEDPEEPPDVSWAVARLYHLLAEEKLCPASLRDVAYQEAVRTLSSRDDHRLGELQDEARNRCGWDIAGDPGSIRTLQS
NLGCLPPSSALPSGTRSLPRPIDGVSDWSQGCSLRSTGSPASLASNLEISQSPTMPFLSLHRSPHGPSKLCDDPQASLVP
EPVPGGCQEPEEMSWPPSGEIASPPELPSSPPPGLPEVAPDATSTGLPDTPAAPETSTNYPVECTEGSAGPQSLPLPILE
PVKNPCSVKDQTPLQLSVEDTTSPNTKPCPPTPTTPETSPPPPPPPPSSTPCSAHLTPSSLFPSSLESSSEQKFYNFVIL
HARADEHIALRVREKLEALGVPDGATFCEDFQVPGRGELSCLQDAIDHSAFIILLLTSNFDCRLSLHQVNQAMMSNLTRQ
GSPDCVIPFLPLESSPAQLSSDTASLLSGLVRLDEHSQIFARKVANTFKPHRLQARKAMWRKEQD
;
_entity_poly.pdbx_strand_id   E,B,F,D,A,C
#
# COMPACT_ATOMS: atom_id res chain seq x y z
N LYS A 393 -2.95 26.36 -28.00
CA LYS A 393 -1.56 26.52 -27.56
C LYS A 393 -0.91 27.72 -28.23
N PHE A 394 0.32 28.02 -27.83
CA PHE A 394 1.11 29.11 -28.38
C PHE A 394 0.37 30.45 -28.26
N TYR A 395 0.12 30.82 -27.01
CA TYR A 395 -0.58 32.07 -26.72
C TYR A 395 0.33 33.27 -27.01
N ASN A 396 -0.29 34.45 -27.07
CA ASN A 396 0.46 35.66 -27.37
C ASN A 396 1.31 36.09 -26.18
N PHE A 397 0.67 36.37 -25.05
CA PHE A 397 1.39 36.82 -23.86
C PHE A 397 0.86 36.08 -22.64
N VAL A 398 1.75 35.87 -21.67
CA VAL A 398 1.43 35.21 -20.41
C VAL A 398 1.76 36.16 -19.27
N ILE A 399 1.00 36.08 -18.18
CA ILE A 399 1.17 36.99 -17.07
C ILE A 399 1.63 36.21 -15.83
N LEU A 400 2.94 36.14 -15.63
CA LEU A 400 3.46 35.52 -14.41
C LEU A 400 3.18 36.41 -13.22
N HIS A 401 2.73 35.81 -12.12
CA HIS A 401 2.30 36.57 -10.96
C HIS A 401 2.38 35.67 -9.73
N ALA A 402 2.32 36.31 -8.57
CA ALA A 402 2.28 35.56 -7.31
C ALA A 402 0.93 34.89 -7.16
N ARG A 403 0.89 33.86 -6.30
CA ARG A 403 -0.33 33.09 -6.11
C ARG A 403 -1.45 33.94 -5.53
N ALA A 404 -1.12 34.81 -4.57
CA ALA A 404 -2.14 35.63 -3.92
C ALA A 404 -2.75 36.63 -4.89
N ASP A 405 -1.93 37.23 -5.75
CA ASP A 405 -2.39 38.31 -6.62
C ASP A 405 -3.03 37.73 -7.87
N GLU A 406 -4.28 37.29 -7.70
CA GLU A 406 -5.04 36.74 -8.82
C GLU A 406 -5.84 37.83 -9.53
N HIS A 407 -6.48 38.71 -8.76
CA HIS A 407 -7.30 39.76 -9.34
C HIS A 407 -6.47 40.74 -10.17
N ILE A 408 -5.25 41.04 -9.72
CA ILE A 408 -4.38 41.92 -10.51
C ILE A 408 -4.08 41.28 -11.87
N ALA A 409 -3.76 39.99 -11.87
CA ALA A 409 -3.46 39.31 -13.13
C ALA A 409 -4.66 39.28 -14.05
N LEU A 410 -5.85 39.00 -13.49
CA LEU A 410 -7.06 38.99 -14.32
C LEU A 410 -7.33 40.37 -14.91
N ARG A 411 -7.18 41.42 -14.09
CA ARG A 411 -7.41 42.77 -14.58
C ARG A 411 -6.43 43.12 -15.68
N VAL A 412 -5.15 42.78 -15.50
CA VAL A 412 -4.14 43.12 -16.49
C VAL A 412 -4.38 42.39 -17.80
N ARG A 413 -4.70 41.09 -17.72
CA ARG A 413 -4.96 40.34 -18.96
C ARG A 413 -6.20 40.87 -19.67
N GLU A 414 -7.26 41.20 -18.93
CA GLU A 414 -8.44 41.78 -19.55
C GLU A 414 -8.12 43.12 -20.22
N LYS A 415 -7.33 43.95 -19.55
CA LYS A 415 -7.00 45.25 -20.12
C LYS A 415 -6.16 45.12 -21.39
N LEU A 416 -5.13 44.25 -21.37
CA LEU A 416 -4.30 44.06 -22.55
C LEU A 416 -5.09 43.44 -23.68
N GLU A 417 -6.08 42.59 -23.37
CA GLU A 417 -6.98 42.12 -24.41
C GLU A 417 -7.82 43.26 -24.98
N ALA A 418 -8.27 44.16 -24.11
CA ALA A 418 -9.11 45.27 -24.56
C ALA A 418 -8.33 46.21 -25.48
N LEU A 419 -7.06 46.48 -25.16
CA LEU A 419 -6.27 47.41 -25.95
C LEU A 419 -6.03 46.92 -27.38
N GLY A 420 -6.22 45.64 -27.65
CA GLY A 420 -6.14 45.16 -29.01
C GLY A 420 -5.17 44.02 -29.26
N VAL A 421 -4.77 43.32 -28.21
CA VAL A 421 -3.89 42.16 -28.32
C VAL A 421 -4.75 40.91 -28.17
N PRO A 422 -4.95 40.12 -29.21
CA PRO A 422 -5.83 38.95 -29.11
C PRO A 422 -5.14 37.78 -28.43
N ASP A 423 -5.96 36.79 -28.06
CA ASP A 423 -5.49 35.55 -27.45
C ASP A 423 -4.71 35.83 -26.16
N GLY A 424 -5.32 36.58 -25.26
CA GLY A 424 -4.71 36.84 -23.97
C GLY A 424 -4.64 35.59 -23.12
N ALA A 425 -3.59 35.51 -22.31
CA ALA A 425 -3.37 34.36 -21.44
C ALA A 425 -2.76 34.82 -20.13
N THR A 426 -2.93 34.02 -19.10
CA THR A 426 -2.37 34.27 -17.79
C THR A 426 -1.71 33.00 -17.27
N PHE A 427 -0.94 33.15 -16.19
CA PHE A 427 -0.26 32.00 -15.60
C PHE A 427 -1.26 30.97 -15.10
N CYS A 428 -2.35 31.42 -14.48
CA CYS A 428 -3.38 30.54 -13.96
C CYS A 428 -4.32 30.03 -15.04
N GLU A 429 -3.96 30.18 -16.31
CA GLU A 429 -4.72 29.59 -17.41
C GLU A 429 -4.14 28.25 -17.82
N ASP A 430 -2.80 28.16 -17.94
CA ASP A 430 -2.11 26.90 -18.16
C ASP A 430 -1.51 26.36 -16.86
N PHE A 431 -1.95 26.87 -15.72
CA PHE A 431 -1.52 26.38 -14.41
C PHE A 431 -2.31 25.11 -14.08
N GLN A 432 -1.99 24.06 -14.83
CA GLN A 432 -2.75 22.82 -14.77
C GLN A 432 -2.59 22.14 -13.43
N VAL A 433 -3.61 22.21 -12.59
CA VAL A 433 -3.59 21.65 -11.25
C VAL A 433 -3.47 20.12 -11.21
N PRO A 434 -3.80 19.34 -12.26
CA PRO A 434 -3.52 17.90 -12.17
C PRO A 434 -2.05 17.57 -12.19
N GLY A 435 -1.35 17.90 -11.10
CA GLY A 435 -0.01 17.39 -10.88
C GLY A 435 1.14 18.22 -11.43
N ARG A 436 0.88 19.14 -12.35
CA ARG A 436 1.97 19.94 -12.89
C ARG A 436 2.37 21.01 -11.89
N GLY A 437 3.21 20.64 -10.91
CA GLY A 437 3.51 21.51 -9.79
C GLY A 437 4.22 22.79 -10.15
N GLU A 438 5.48 22.70 -10.58
CA GLU A 438 6.17 23.84 -11.15
C GLU A 438 7.05 23.47 -12.32
N LEU A 439 7.09 22.19 -12.72
CA LEU A 439 7.90 21.81 -13.87
C LEU A 439 7.15 22.03 -15.17
N SER A 440 6.04 21.31 -15.37
CA SER A 440 5.35 21.40 -16.65
C SER A 440 4.56 22.68 -16.78
N CYS A 441 4.00 23.20 -15.69
CA CYS A 441 3.21 24.42 -15.78
C CYS A 441 4.09 25.63 -16.10
N LEU A 442 5.19 25.80 -15.37
CA LEU A 442 6.08 26.94 -15.62
C LEU A 442 6.73 26.85 -16.99
N GLN A 443 7.19 25.66 -17.38
CA GLN A 443 7.80 25.52 -18.69
C GLN A 443 6.78 25.67 -19.81
N ASP A 444 5.53 25.29 -19.57
CA ASP A 444 4.49 25.53 -20.56
C ASP A 444 4.17 27.01 -20.68
N ALA A 445 4.19 27.73 -19.56
CA ALA A 445 3.96 29.17 -19.61
C ALA A 445 5.12 29.89 -20.31
N ILE A 446 6.34 29.42 -20.10
CA ILE A 446 7.50 30.06 -20.71
C ILE A 446 7.60 29.75 -22.19
N ASP A 447 7.50 28.46 -22.54
CA ASP A 447 7.75 28.04 -23.91
C ASP A 447 6.61 28.41 -24.84
N HIS A 448 5.37 28.21 -24.40
CA HIS A 448 4.20 28.39 -25.26
C HIS A 448 3.63 29.80 -25.21
N SER A 449 4.45 30.79 -24.88
CA SER A 449 4.01 32.19 -24.86
C SER A 449 5.00 33.03 -25.65
N ALA A 450 4.49 33.81 -26.58
CA ALA A 450 5.37 34.67 -27.38
C ALA A 450 6.03 35.74 -26.51
N PHE A 451 5.28 36.31 -25.57
CA PHE A 451 5.82 37.31 -24.66
C PHE A 451 5.55 36.88 -23.22
N ILE A 452 6.57 36.96 -22.38
CA ILE A 452 6.44 36.67 -20.96
C ILE A 452 6.41 37.99 -20.22
N ILE A 453 5.27 38.30 -19.61
CA ILE A 453 5.05 39.59 -18.95
C ILE A 453 5.12 39.35 -17.45
N LEU A 454 6.26 39.70 -16.85
CA LEU A 454 6.39 39.61 -15.40
C LEU A 454 5.61 40.74 -14.75
N LEU A 455 4.95 40.43 -13.64
CA LEU A 455 4.07 41.37 -12.96
C LEU A 455 4.67 41.67 -11.58
N LEU A 456 5.43 42.76 -11.50
CA LEU A 456 6.05 43.14 -10.24
C LEU A 456 5.01 43.62 -9.24
N THR A 457 5.24 43.28 -7.96
CA THR A 457 4.34 43.66 -6.88
C THR A 457 5.12 43.61 -5.58
N SER A 458 4.57 44.23 -4.54
CA SER A 458 5.14 44.09 -3.21
C SER A 458 5.10 42.65 -2.73
N ASN A 459 4.17 41.84 -3.24
CA ASN A 459 4.09 40.43 -2.88
C ASN A 459 4.96 39.58 -3.80
N PHE A 460 5.67 40.20 -4.74
CA PHE A 460 6.50 39.50 -5.71
C PHE A 460 7.89 39.26 -5.13
N ASP A 461 8.05 39.50 -3.83
CA ASP A 461 9.35 39.42 -3.18
C ASP A 461 9.71 38.01 -2.69
N CYS A 462 8.79 37.06 -2.78
CA CYS A 462 9.05 35.73 -2.25
C CYS A 462 10.12 35.02 -3.08
N ARG A 463 10.79 34.05 -2.44
CA ARG A 463 11.90 33.35 -3.08
C ARG A 463 11.44 32.58 -4.32
N LEU A 464 10.23 32.02 -4.27
CA LEU A 464 9.69 31.34 -5.44
C LEU A 464 9.57 32.29 -6.61
N SER A 465 9.11 33.52 -6.35
CA SER A 465 9.00 34.51 -7.41
C SER A 465 10.37 34.87 -7.98
N LEU A 466 11.38 35.00 -7.11
CA LEU A 466 12.73 35.30 -7.59
C LEU A 466 13.25 34.16 -8.47
N HIS A 467 13.00 32.92 -8.07
CA HIS A 467 13.39 31.79 -8.91
C HIS A 467 12.67 31.81 -10.25
N GLN A 468 11.38 32.16 -10.24
CA GLN A 468 10.64 32.26 -11.49
C GLN A 468 11.22 33.33 -12.41
N VAL A 469 11.60 34.47 -11.83
CA VAL A 469 12.21 35.53 -12.62
C VAL A 469 13.52 35.06 -13.23
N ASN A 470 14.36 34.41 -12.42
CA ASN A 470 15.63 33.89 -12.94
C ASN A 470 15.39 32.89 -14.05
N GLN A 471 14.42 31.98 -13.86
CA GLN A 471 14.15 30.96 -14.87
C GLN A 471 13.68 31.59 -16.17
N ALA A 472 12.76 32.55 -16.09
CA ALA A 472 12.25 33.20 -17.29
C ALA A 472 13.35 33.95 -18.01
N MET A 473 14.16 34.71 -17.26
CA MET A 473 15.24 35.47 -17.89
C MET A 473 16.26 34.56 -18.54
N MET A 474 16.65 33.48 -17.86
CA MET A 474 17.65 32.58 -18.42
C MET A 474 17.10 31.83 -19.64
N SER A 475 15.83 31.45 -19.60
CA SER A 475 15.24 30.81 -20.77
C SER A 475 15.18 31.77 -21.95
N ASN A 476 14.86 33.04 -21.70
CA ASN A 476 14.84 34.03 -22.77
C ASN A 476 16.24 34.23 -23.35
N LEU A 477 17.25 34.29 -22.48
CA LEU A 477 18.61 34.55 -22.96
C LEU A 477 19.18 33.36 -23.72
N THR A 478 18.94 32.13 -23.23
CA THR A 478 19.50 30.96 -23.87
C THR A 478 18.78 30.63 -25.19
N ARG A 479 17.47 30.82 -25.23
CA ARG A 479 16.70 30.48 -26.42
C ARG A 479 17.14 31.32 -27.62
N GLN A 480 17.26 30.67 -28.77
CA GLN A 480 17.62 31.38 -29.99
C GLN A 480 16.52 32.37 -30.36
N GLY A 481 16.94 33.53 -30.88
CA GLY A 481 15.98 34.57 -31.14
C GLY A 481 15.44 35.17 -29.85
N SER A 482 14.18 35.59 -29.89
CA SER A 482 13.49 36.14 -28.72
C SER A 482 14.27 37.31 -28.13
N PRO A 483 14.28 38.48 -28.79
CA PRO A 483 15.11 39.59 -28.31
C PRO A 483 14.72 40.12 -26.94
N ASP A 484 13.46 40.54 -26.78
CA ASP A 484 12.99 41.17 -25.54
C ASP A 484 11.64 40.60 -25.13
N CYS A 485 11.56 39.27 -25.10
CA CYS A 485 10.30 38.63 -24.74
C CYS A 485 9.88 38.96 -23.32
N VAL A 486 10.83 38.97 -22.37
CA VAL A 486 10.49 39.23 -20.98
C VAL A 486 10.22 40.72 -20.81
N ILE A 487 8.99 41.07 -20.45
CA ILE A 487 8.55 42.44 -20.33
C ILE A 487 8.11 42.69 -18.89
N PRO A 488 8.93 43.35 -18.09
CA PRO A 488 8.48 43.77 -16.76
C PRO A 488 7.28 44.69 -16.87
N PHE A 489 6.30 44.47 -16.00
CA PHE A 489 5.04 45.19 -16.03
C PHE A 489 4.77 45.80 -14.67
N LEU A 490 4.43 47.09 -14.66
CA LEU A 490 4.02 47.74 -13.42
C LEU A 490 2.52 47.94 -13.46
N PRO A 491 1.75 47.23 -12.62
CA PRO A 491 0.30 47.39 -12.66
C PRO A 491 -0.13 48.74 -12.09
N LEU A 492 -1.38 49.09 -12.37
CA LEU A 492 -1.92 50.36 -11.91
C LEU A 492 -1.94 50.45 -10.39
N GLU A 493 -2.30 49.34 -9.72
CA GLU A 493 -2.33 49.34 -8.27
C GLU A 493 -0.94 49.55 -7.67
N SER A 494 0.08 48.97 -8.29
CA SER A 494 1.43 49.08 -7.77
C SER A 494 1.99 50.49 -8.02
N SER A 495 3.08 50.78 -7.33
CA SER A 495 3.77 52.06 -7.41
C SER A 495 5.26 51.80 -7.59
N PRO A 496 5.99 52.76 -8.16
CA PRO A 496 7.44 52.56 -8.32
C PRO A 496 8.20 52.47 -7.01
N ALA A 497 7.58 52.88 -5.89
CA ALA A 497 8.27 52.83 -4.60
C ALA A 497 8.25 51.46 -3.96
N GLN A 498 7.43 50.53 -4.46
CA GLN A 498 7.31 49.20 -3.88
C GLN A 498 8.09 48.14 -4.66
N LEU A 499 9.03 48.56 -5.50
CA LEU A 499 9.88 47.61 -6.21
C LEU A 499 10.67 46.76 -5.22
N SER A 500 10.65 45.44 -5.44
CA SER A 500 11.39 44.54 -4.58
C SER A 500 12.89 44.69 -4.80
N SER A 501 13.61 44.99 -3.72
CA SER A 501 15.06 45.17 -3.84
C SER A 501 15.73 43.89 -4.29
N ASP A 502 15.31 42.75 -3.72
CA ASP A 502 15.94 41.48 -4.08
C ASP A 502 15.49 40.98 -5.43
N THR A 503 14.20 41.16 -5.77
CA THR A 503 13.66 40.54 -6.97
C THR A 503 13.75 41.47 -8.18
N ALA A 504 13.24 42.69 -8.06
CA ALA A 504 13.16 43.60 -9.20
C ALA A 504 14.52 44.17 -9.60
N SER A 505 15.56 43.98 -8.79
CA SER A 505 16.88 44.47 -9.17
C SER A 505 17.40 43.75 -10.41
N LEU A 506 16.97 42.51 -10.63
CA LEU A 506 17.37 41.79 -11.84
C LEU A 506 16.81 42.45 -13.09
N LEU A 507 15.68 43.15 -12.97
CA LEU A 507 15.04 43.82 -14.09
C LEU A 507 15.25 45.33 -14.06
N SER A 508 16.17 45.82 -13.24
CA SER A 508 16.37 47.26 -13.13
C SER A 508 16.88 47.86 -14.43
N GLY A 509 17.80 47.18 -15.11
CA GLY A 509 18.38 47.70 -16.33
C GLY A 509 17.81 47.06 -17.58
N LEU A 510 16.49 46.84 -17.60
CA LEU A 510 15.84 46.24 -18.74
C LEU A 510 14.59 47.05 -19.06
N VAL A 511 14.16 46.98 -20.32
CA VAL A 511 13.06 47.81 -20.83
C VAL A 511 11.78 47.46 -20.07
N ARG A 512 11.24 48.44 -19.35
CA ARG A 512 10.06 48.26 -18.52
C ARG A 512 8.81 48.74 -19.25
N LEU A 513 7.65 48.25 -18.81
CA LEU A 513 6.37 48.78 -19.23
C LEU A 513 5.59 49.21 -17.99
N ASP A 514 5.05 50.42 -18.04
CA ASP A 514 4.40 51.02 -16.89
C ASP A 514 2.97 51.38 -17.23
N GLU A 515 2.10 51.28 -16.23
CA GLU A 515 0.71 51.70 -16.37
C GLU A 515 0.49 53.15 -16.00
N HIS A 516 1.28 53.69 -15.07
CA HIS A 516 1.15 55.08 -14.68
C HIS A 516 1.49 56.04 -15.80
N SER A 517 2.28 55.61 -16.78
CA SER A 517 2.66 56.48 -17.88
C SER A 517 1.46 56.74 -18.78
N GLN A 518 1.37 57.99 -19.27
CA GLN A 518 0.29 58.38 -20.16
C GLN A 518 0.49 57.91 -21.59
N ILE A 519 1.66 57.34 -21.91
CA ILE A 519 1.94 56.81 -23.23
C ILE A 519 1.78 55.29 -23.26
N PHE A 520 0.99 54.74 -22.32
CA PHE A 520 0.89 53.29 -22.15
C PHE A 520 0.35 52.62 -23.40
N ALA A 521 -0.68 53.20 -24.03
CA ALA A 521 -1.26 52.58 -25.22
C ALA A 521 -0.26 52.50 -26.35
N ARG A 522 0.51 53.57 -26.57
CA ARG A 522 1.53 53.55 -27.61
C ARG A 522 2.62 52.53 -27.29
N LYS A 523 2.98 52.41 -26.01
CA LYS A 523 3.96 51.41 -25.62
C LYS A 523 3.47 50.01 -25.93
N VAL A 524 2.19 49.73 -25.63
CA VAL A 524 1.62 48.43 -25.93
C VAL A 524 1.61 48.17 -27.43
N ALA A 525 1.22 49.18 -28.21
CA ALA A 525 1.18 49.03 -29.66
C ALA A 525 2.58 48.75 -30.22
N ASN A 526 3.60 49.45 -29.70
CA ASN A 526 4.95 49.23 -30.17
C ASN A 526 5.47 47.85 -29.78
N THR A 527 5.16 47.41 -28.55
CA THR A 527 5.66 46.11 -28.10
C THR A 527 4.99 44.96 -28.83
N PHE A 528 3.66 45.00 -28.94
CA PHE A 528 2.90 43.92 -29.58
C PHE A 528 2.64 44.30 -31.04
N LYS A 529 3.70 44.26 -31.83
CA LYS A 529 3.61 44.54 -33.25
C LYS A 529 2.95 43.38 -33.98
N PRO A 530 2.37 43.65 -35.17
CA PRO A 530 1.75 42.55 -35.93
C PRO A 530 2.68 41.38 -36.20
N HIS A 531 3.95 41.64 -36.49
CA HIS A 531 4.91 40.57 -36.70
C HIS A 531 5.46 40.11 -35.36
N ARG A 532 5.50 38.79 -35.15
CA ARG A 532 5.89 38.23 -33.86
C ARG A 532 6.54 36.88 -34.09
N LEU A 533 6.67 36.11 -33.01
CA LEU A 533 7.33 34.82 -33.05
C LEU A 533 6.44 33.76 -33.71
N GLN A 534 7.05 32.64 -34.04
CA GLN A 534 6.38 31.51 -34.68
C GLN A 534 6.60 30.25 -33.86
N ALA A 535 6.13 29.13 -34.40
CA ALA A 535 6.25 27.84 -33.73
C ALA A 535 7.71 27.40 -33.65
N LYS B 393 -3.10 -44.89 32.96
CA LYS B 393 -4.13 -43.98 32.45
C LYS B 393 -3.53 -42.63 32.08
N PHE B 394 -4.33 -41.79 31.43
CA PHE B 394 -3.93 -40.45 31.02
C PHE B 394 -2.68 -40.49 30.15
N TYR B 395 -2.81 -41.16 29.00
CA TYR B 395 -1.71 -41.26 28.07
C TYR B 395 -1.47 -39.91 27.38
N ASN B 396 -0.26 -39.74 26.86
CA ASN B 396 0.11 -38.47 26.24
C ASN B 396 -0.64 -38.26 24.92
N PHE B 397 -0.58 -39.23 24.02
CA PHE B 397 -1.26 -39.12 22.74
C PHE B 397 -1.87 -40.46 22.37
N VAL B 398 -2.94 -40.40 21.58
CA VAL B 398 -3.66 -41.58 21.11
C VAL B 398 -3.77 -41.50 19.60
N ILE B 399 -3.64 -42.65 18.94
CA ILE B 399 -3.74 -42.74 17.49
C ILE B 399 -5.10 -43.31 17.14
N LEU B 400 -5.85 -42.57 16.33
CA LEU B 400 -7.13 -43.02 15.82
C LEU B 400 -6.95 -43.46 14.37
N HIS B 401 -7.39 -44.68 14.07
CA HIS B 401 -7.09 -45.29 12.79
C HIS B 401 -8.23 -46.21 12.38
N ALA B 402 -8.22 -46.58 11.10
CA ALA B 402 -9.21 -47.52 10.60
C ALA B 402 -9.00 -48.90 11.21
N ARG B 403 -10.06 -49.71 11.18
CA ARG B 403 -10.00 -51.03 11.78
C ARG B 403 -9.00 -51.92 11.06
N ALA B 404 -8.80 -51.70 9.76
CA ALA B 404 -7.94 -52.56 8.94
C ALA B 404 -6.50 -52.07 8.86
N ASP B 405 -6.13 -51.02 9.60
CA ASP B 405 -4.80 -50.45 9.48
C ASP B 405 -4.10 -50.39 10.84
N GLU B 406 -4.13 -51.48 11.59
CA GLU B 406 -3.46 -51.50 12.89
C GLU B 406 -1.95 -51.36 12.75
N HIS B 407 -1.37 -51.99 11.72
CA HIS B 407 0.08 -51.98 11.57
C HIS B 407 0.60 -50.57 11.33
N ILE B 408 -0.12 -49.78 10.53
CA ILE B 408 0.32 -48.41 10.26
C ILE B 408 0.33 -47.58 11.54
N ALA B 409 -0.74 -47.70 12.33
CA ALA B 409 -0.80 -46.95 13.59
C ALA B 409 0.30 -47.40 14.55
N LEU B 410 0.54 -48.71 14.64
CA LEU B 410 1.60 -49.20 15.50
C LEU B 410 2.96 -48.69 15.06
N ARG B 411 3.22 -48.71 13.74
CA ARG B 411 4.49 -48.21 13.23
C ARG B 411 4.66 -46.74 13.52
N VAL B 412 3.58 -45.96 13.37
CA VAL B 412 3.65 -44.52 13.65
C VAL B 412 3.97 -44.29 15.11
N ARG B 413 3.30 -45.02 16.00
CA ARG B 413 3.56 -44.85 17.43
C ARG B 413 5.00 -45.22 17.77
N GLU B 414 5.49 -46.34 17.21
CA GLU B 414 6.85 -46.78 17.48
C GLU B 414 7.86 -45.77 16.99
N LYS B 415 7.65 -45.20 15.80
CA LYS B 415 8.53 -44.15 15.31
C LYS B 415 8.46 -42.93 16.21
N LEU B 416 7.28 -42.62 16.74
CA LEU B 416 7.10 -41.34 17.42
C LEU B 416 7.69 -41.34 18.82
N GLU B 417 7.56 -42.43 19.59
CA GLU B 417 7.99 -42.31 20.98
C GLU B 417 9.51 -42.13 21.07
N ALA B 418 10.24 -42.59 20.04
CA ALA B 418 11.70 -42.49 20.08
C ALA B 418 12.17 -41.04 20.04
N LEU B 419 11.38 -40.15 19.43
CA LEU B 419 11.80 -38.75 19.30
C LEU B 419 11.84 -38.04 20.65
N GLY B 420 11.16 -38.55 21.66
CA GLY B 420 11.23 -37.96 22.98
C GLY B 420 9.90 -37.84 23.70
N VAL B 421 8.83 -38.31 23.08
CA VAL B 421 7.50 -38.25 23.66
C VAL B 421 7.26 -39.57 24.40
N PRO B 422 7.14 -39.56 25.73
CA PRO B 422 6.95 -40.80 26.47
C PRO B 422 5.47 -41.15 26.63
N ASP B 423 5.25 -42.38 27.10
CA ASP B 423 3.90 -42.89 27.37
C ASP B 423 3.03 -42.84 26.12
N GLY B 424 3.55 -43.37 25.03
CA GLY B 424 2.77 -43.45 23.80
C GLY B 424 1.60 -44.41 23.93
N ALA B 425 0.57 -44.16 23.13
CA ALA B 425 -0.63 -44.98 23.16
C ALA B 425 -1.22 -45.05 21.77
N THR B 426 -2.07 -46.05 21.55
CA THR B 426 -2.81 -46.21 20.32
C THR B 426 -4.24 -46.59 20.67
N PHE B 427 -5.08 -46.70 19.65
CA PHE B 427 -6.47 -47.07 19.90
C PHE B 427 -6.58 -48.49 20.44
N CYS B 428 -5.82 -49.42 19.85
CA CYS B 428 -5.77 -50.80 20.34
C CYS B 428 -5.19 -50.91 21.74
N GLU B 429 -4.50 -49.87 22.23
CA GLU B 429 -4.09 -49.86 23.63
C GLU B 429 -5.29 -49.77 24.57
N ASP B 430 -6.32 -49.02 24.20
CA ASP B 430 -7.56 -48.96 24.98
C ASP B 430 -8.71 -49.35 24.05
N PHE B 431 -8.87 -50.66 23.88
CA PHE B 431 -9.90 -51.23 23.00
C PHE B 431 -10.21 -52.62 23.55
N GLN B 432 -11.21 -52.69 24.42
CA GLN B 432 -11.54 -53.95 25.08
C GLN B 432 -12.41 -54.81 24.17
N VAL B 433 -12.05 -56.09 24.07
CA VAL B 433 -12.81 -57.04 23.26
C VAL B 433 -14.23 -57.20 23.81
N PRO B 434 -14.43 -57.45 25.10
CA PRO B 434 -15.80 -57.65 25.60
C PRO B 434 -16.42 -56.37 26.15
N GLY B 435 -17.75 -56.39 26.21
CA GLY B 435 -18.50 -55.32 26.84
C GLY B 435 -18.61 -54.06 26.00
N ARG B 436 -17.49 -53.35 25.83
CA ARG B 436 -17.52 -52.08 25.14
C ARG B 436 -17.69 -52.27 23.64
N GLY B 437 -18.39 -51.34 23.00
CA GLY B 437 -18.60 -51.38 21.58
C GLY B 437 -17.79 -50.34 20.83
N GLU B 438 -18.45 -49.26 20.40
CA GLU B 438 -17.76 -48.16 19.74
C GLU B 438 -17.85 -46.85 20.50
N LEU B 439 -19.00 -46.54 21.10
CA LEU B 439 -19.16 -45.26 21.76
C LEU B 439 -18.34 -45.20 23.04
N SER B 440 -18.15 -46.35 23.71
CA SER B 440 -17.44 -46.36 24.98
C SER B 440 -15.93 -46.34 24.79
N CYS B 441 -15.40 -47.20 23.91
CA CYS B 441 -13.96 -47.22 23.68
C CYS B 441 -13.48 -45.92 23.06
N LEU B 442 -14.22 -45.39 22.08
CA LEU B 442 -13.83 -44.13 21.46
C LEU B 442 -13.86 -42.99 22.46
N GLN B 443 -14.91 -42.93 23.30
CA GLN B 443 -14.99 -41.88 24.30
C GLN B 443 -13.87 -42.01 25.33
N ASP B 444 -13.52 -43.24 25.69
CA ASP B 444 -12.39 -43.45 26.59
C ASP B 444 -11.09 -42.96 25.95
N ALA B 445 -10.91 -43.21 24.66
CA ALA B 445 -9.73 -42.71 23.96
C ALA B 445 -9.69 -41.19 23.93
N ILE B 446 -10.83 -40.56 23.69
CA ILE B 446 -10.88 -39.09 23.63
C ILE B 446 -10.59 -38.49 25.01
N ASP B 447 -11.20 -39.05 26.05
CA ASP B 447 -11.16 -38.42 27.36
C ASP B 447 -9.79 -38.57 28.03
N HIS B 448 -9.17 -39.74 27.90
CA HIS B 448 -7.95 -40.07 28.63
C HIS B 448 -6.69 -39.84 27.81
N SER B 449 -6.69 -38.85 26.93
CA SER B 449 -5.52 -38.56 26.12
C SER B 449 -5.26 -37.06 26.13
N ALA B 450 -4.01 -36.69 26.36
CA ALA B 450 -3.63 -35.28 26.28
C ALA B 450 -3.70 -34.78 24.85
N PHE B 451 -3.30 -35.61 23.89
CA PHE B 451 -3.37 -35.28 22.48
C PHE B 451 -4.08 -36.39 21.73
N ILE B 452 -4.77 -36.01 20.65
CA ILE B 452 -5.46 -36.95 19.78
C ILE B 452 -4.85 -36.80 18.39
N ILE B 453 -4.45 -37.91 17.79
CA ILE B 453 -3.77 -37.90 16.51
C ILE B 453 -4.61 -38.72 15.53
N LEU B 454 -5.33 -38.05 14.65
CA LEU B 454 -6.01 -38.74 13.57
C LEU B 454 -4.99 -39.14 12.52
N LEU B 455 -5.19 -40.31 11.92
CA LEU B 455 -4.23 -40.88 10.99
C LEU B 455 -4.92 -41.05 9.64
N LEU B 456 -4.74 -40.06 8.77
CA LEU B 456 -5.40 -40.12 7.47
C LEU B 456 -4.79 -41.20 6.60
N THR B 457 -5.64 -41.94 5.89
CA THR B 457 -5.20 -43.00 5.00
C THR B 457 -6.32 -43.31 4.02
N SER B 458 -6.07 -44.26 3.13
CA SER B 458 -7.07 -44.63 2.14
C SER B 458 -8.22 -45.41 2.77
N ASN B 459 -7.95 -46.17 3.82
CA ASN B 459 -8.98 -46.92 4.53
C ASN B 459 -9.73 -46.08 5.55
N PHE B 460 -9.46 -44.77 5.60
CA PHE B 460 -10.05 -43.86 6.58
C PHE B 460 -11.23 -43.09 6.00
N ASP B 461 -11.98 -43.70 5.08
CA ASP B 461 -13.08 -43.03 4.41
C ASP B 461 -14.45 -43.60 4.74
N CYS B 462 -14.52 -44.65 5.54
CA CYS B 462 -15.80 -45.25 5.86
C CYS B 462 -16.62 -44.33 6.76
N ARG B 463 -17.93 -44.63 6.83
CA ARG B 463 -18.83 -43.81 7.64
C ARG B 463 -18.43 -43.84 9.11
N LEU B 464 -17.96 -45.00 9.59
CA LEU B 464 -17.48 -45.08 10.96
C LEU B 464 -16.31 -44.15 11.19
N SER B 465 -15.39 -44.09 10.23
CA SER B 465 -14.24 -43.19 10.35
C SER B 465 -14.69 -41.74 10.37
N LEU B 466 -15.66 -41.38 9.52
CA LEU B 466 -16.19 -40.02 9.53
C LEU B 466 -16.81 -39.70 10.88
N HIS B 467 -17.58 -40.64 11.43
CA HIS B 467 -18.19 -40.42 12.74
C HIS B 467 -17.13 -40.24 13.82
N GLN B 468 -16.06 -41.04 13.77
CA GLN B 468 -15.00 -40.92 14.77
C GLN B 468 -14.31 -39.57 14.68
N VAL B 469 -14.01 -39.12 13.46
CA VAL B 469 -13.37 -37.82 13.28
C VAL B 469 -14.28 -36.72 13.80
N ASN B 470 -15.56 -36.78 13.44
CA ASN B 470 -16.50 -35.75 13.88
C ASN B 470 -16.62 -35.73 15.40
N GLN B 471 -16.72 -36.91 16.02
CA GLN B 471 -16.86 -36.98 17.47
C GLN B 471 -15.61 -36.45 18.16
N ALA B 472 -14.43 -36.84 17.69
CA ALA B 472 -13.21 -36.35 18.31
C ALA B 472 -13.07 -34.84 18.18
N MET B 473 -13.34 -34.32 16.98
CA MET B 473 -13.21 -32.88 16.76
C MET B 473 -14.20 -32.10 17.61
N MET B 474 -15.45 -32.57 17.68
CA MET B 474 -16.46 -31.85 18.47
C MET B 474 -16.17 -31.95 19.96
N SER B 475 -15.69 -33.10 20.43
CA SER B 475 -15.32 -33.23 21.83
C SER B 475 -14.17 -32.30 22.18
N ASN B 476 -13.20 -32.16 21.28
CA ASN B 476 -12.13 -31.21 21.52
C ASN B 476 -12.66 -29.78 21.54
N LEU B 477 -13.55 -29.43 20.61
CA LEU B 477 -13.98 -28.05 20.48
C LEU B 477 -14.87 -27.61 21.64
N THR B 478 -15.83 -28.47 22.02
CA THR B 478 -16.80 -28.08 23.04
C THR B 478 -16.17 -28.07 24.44
N ARG B 479 -15.34 -29.06 24.74
CA ARG B 479 -14.77 -29.19 26.08
C ARG B 479 -13.93 -27.98 26.43
N GLN B 480 -14.17 -27.42 27.62
CA GLN B 480 -13.44 -26.23 28.05
C GLN B 480 -11.99 -26.59 28.38
N GLY B 481 -11.08 -25.72 27.97
CA GLY B 481 -9.67 -26.02 28.09
C GLY B 481 -9.19 -26.82 26.89
N SER B 482 -7.95 -27.30 27.00
CA SER B 482 -7.29 -28.04 25.92
C SER B 482 -7.35 -27.23 24.64
N PRO B 483 -6.54 -26.17 24.52
CA PRO B 483 -6.73 -25.21 23.41
C PRO B 483 -6.75 -25.83 22.04
N ASP B 484 -5.91 -26.83 21.77
CA ASP B 484 -5.86 -27.44 20.45
C ASP B 484 -5.16 -28.79 20.56
N CYS B 485 -5.88 -29.87 20.25
CA CYS B 485 -5.36 -31.20 20.51
C CYS B 485 -5.40 -32.10 19.28
N VAL B 486 -6.42 -31.98 18.45
CA VAL B 486 -6.58 -32.87 17.31
C VAL B 486 -5.50 -32.56 16.28
N ILE B 487 -4.74 -33.57 15.92
CA ILE B 487 -3.61 -33.44 15.01
C ILE B 487 -3.83 -34.38 13.83
N PRO B 488 -4.00 -33.85 12.62
CA PRO B 488 -3.99 -34.73 11.45
C PRO B 488 -2.58 -35.23 11.14
N PHE B 489 -2.49 -36.50 10.80
CA PHE B 489 -1.23 -37.18 10.55
C PHE B 489 -1.28 -37.78 9.16
N LEU B 490 -0.25 -37.50 8.35
CA LEU B 490 -0.15 -38.06 7.01
C LEU B 490 1.06 -38.98 6.93
N PRO B 491 0.87 -40.29 7.05
CA PRO B 491 2.01 -41.21 6.98
C PRO B 491 2.48 -41.41 5.54
N LEU B 492 3.69 -41.98 5.43
CA LEU B 492 4.28 -42.22 4.12
C LEU B 492 3.49 -43.24 3.31
N GLU B 493 2.78 -44.15 3.95
CA GLU B 493 1.98 -45.13 3.23
C GLU B 493 0.87 -44.49 2.42
N SER B 494 0.46 -43.28 2.79
CA SER B 494 -0.52 -42.51 2.04
C SER B 494 0.18 -41.36 1.31
N SER B 495 -0.59 -40.69 0.45
CA SER B 495 -0.06 -39.58 -0.33
C SER B 495 -0.99 -38.38 -0.22
N PRO B 496 -0.46 -37.17 -0.39
CA PRO B 496 -1.34 -35.98 -0.38
C PRO B 496 -2.43 -36.03 -1.43
N ALA B 497 -2.18 -36.67 -2.58
CA ALA B 497 -3.20 -36.80 -3.60
C ALA B 497 -4.30 -37.78 -3.21
N GLN B 498 -4.09 -38.59 -2.17
CA GLN B 498 -5.06 -39.58 -1.73
C GLN B 498 -5.94 -39.07 -0.59
N LEU B 499 -6.21 -37.77 -0.54
CA LEU B 499 -7.08 -37.20 0.48
C LEU B 499 -8.52 -37.40 0.05
N SER B 500 -9.19 -38.38 0.66
CA SER B 500 -10.61 -38.56 0.41
C SER B 500 -11.38 -37.31 0.82
N SER B 501 -12.26 -36.85 -0.05
CA SER B 501 -12.92 -35.57 0.16
C SER B 501 -13.72 -35.57 1.46
N ASP B 502 -14.49 -36.64 1.70
CA ASP B 502 -15.42 -36.66 2.82
C ASP B 502 -14.71 -36.48 4.16
N THR B 503 -13.78 -37.38 4.48
CA THR B 503 -13.15 -37.35 5.79
C THR B 503 -12.14 -36.21 5.91
N ALA B 504 -11.34 -35.99 4.86
CA ALA B 504 -10.26 -35.02 4.96
C ALA B 504 -10.78 -33.58 4.90
N SER B 505 -11.92 -33.35 4.24
CA SER B 505 -12.45 -31.99 4.14
C SER B 505 -12.82 -31.43 5.49
N LEU B 506 -13.11 -32.29 6.48
CA LEU B 506 -13.36 -31.80 7.83
C LEU B 506 -12.12 -31.16 8.42
N LEU B 507 -10.95 -31.73 8.15
CA LEU B 507 -9.68 -31.22 8.65
C LEU B 507 -8.94 -30.38 7.62
N SER B 508 -9.60 -30.04 6.50
CA SER B 508 -8.94 -29.24 5.48
C SER B 508 -8.56 -27.86 6.02
N GLY B 509 -9.45 -27.26 6.81
CA GLY B 509 -9.12 -25.99 7.43
C GLY B 509 -8.03 -26.09 8.48
N LEU B 510 -7.90 -27.25 9.13
CA LEU B 510 -6.84 -27.45 10.11
C LEU B 510 -5.52 -27.72 9.41
N VAL B 511 -4.45 -27.50 10.12
CA VAL B 511 -3.11 -27.83 9.64
C VAL B 511 -2.73 -29.19 10.20
N ARG B 512 -1.90 -29.91 9.44
CA ARG B 512 -1.55 -31.29 9.72
C ARG B 512 -0.04 -31.40 9.96
N LEU B 513 0.43 -32.63 10.11
CA LEU B 513 1.86 -32.92 9.96
C LEU B 513 2.03 -34.07 8.98
N ASP B 514 2.95 -33.91 8.05
CA ASP B 514 3.22 -34.87 7.00
C ASP B 514 4.54 -35.58 7.30
N GLU B 515 4.54 -36.90 7.22
CA GLU B 515 5.78 -37.64 7.38
C GLU B 515 6.73 -37.40 6.21
N HIS B 516 6.22 -36.88 5.09
CA HIS B 516 7.07 -36.53 3.96
C HIS B 516 7.88 -35.27 4.21
N SER B 517 7.53 -34.49 5.23
CA SER B 517 8.20 -33.22 5.48
C SER B 517 9.63 -33.45 5.95
N GLN B 518 10.51 -32.52 5.59
CA GLN B 518 11.91 -32.59 6.01
C GLN B 518 12.15 -31.95 7.37
N ILE B 519 11.15 -31.30 7.95
CA ILE B 519 11.29 -30.62 9.23
C ILE B 519 10.42 -31.36 10.25
N PHE B 520 10.23 -32.66 10.01
CA PHE B 520 9.30 -33.45 10.81
C PHE B 520 9.66 -33.42 12.29
N ALA B 521 10.93 -33.61 12.62
CA ALA B 521 11.34 -33.66 14.02
C ALA B 521 11.05 -32.35 14.73
N ARG B 522 11.34 -31.23 14.08
CA ARG B 522 11.08 -29.93 14.72
C ARG B 522 9.59 -29.70 14.91
N LYS B 523 8.77 -30.09 13.94
CA LYS B 523 7.32 -29.94 14.10
C LYS B 523 6.82 -30.78 15.27
N VAL B 524 7.31 -32.01 15.37
CA VAL B 524 6.89 -32.89 16.47
C VAL B 524 7.31 -32.30 17.80
N ALA B 525 8.54 -31.77 17.89
CA ALA B 525 8.98 -31.12 19.12
C ALA B 525 8.12 -29.91 19.45
N ASN B 526 7.72 -29.13 18.43
CA ASN B 526 6.88 -27.98 18.67
C ASN B 526 5.51 -28.39 19.19
N THR B 527 4.95 -29.49 18.68
CA THR B 527 3.64 -29.95 19.13
C THR B 527 3.69 -30.39 20.59
N PHE B 528 4.47 -31.44 20.87
CA PHE B 528 4.56 -32.01 22.21
C PHE B 528 5.69 -31.31 22.95
N LYS B 529 5.33 -30.45 23.90
CA LYS B 529 6.24 -29.68 24.72
C LYS B 529 6.24 -30.22 26.14
N PRO B 530 7.31 -29.98 26.91
CA PRO B 530 7.31 -30.46 28.30
C PRO B 530 6.16 -29.92 29.13
N HIS B 531 5.70 -28.70 28.85
CA HIS B 531 4.51 -28.16 29.50
C HIS B 531 3.29 -28.50 28.67
N ARG B 532 2.27 -29.05 29.32
CA ARG B 532 1.08 -29.52 28.62
C ARG B 532 -0.08 -29.56 29.60
N LEU B 533 -1.23 -30.00 29.10
CA LEU B 533 -2.48 -30.00 29.85
C LEU B 533 -2.58 -31.23 30.74
N GLN B 534 -3.60 -31.23 31.60
CA GLN B 534 -3.89 -32.35 32.48
C GLN B 534 -5.36 -32.28 32.87
N ALA B 535 -5.83 -33.34 33.52
CA ALA B 535 -7.22 -33.40 33.98
C ALA B 535 -7.34 -34.29 35.22
N LYS C 393 21.79 11.69 12.43
CA LYS C 393 20.80 12.48 11.70
C LYS C 393 21.38 13.84 11.32
N PHE C 394 20.60 14.60 10.54
CA PHE C 394 21.00 15.93 10.06
C PHE C 394 22.34 15.87 9.33
N TYR C 395 22.36 15.10 8.25
CA TYR C 395 23.55 14.91 7.46
C TYR C 395 23.89 16.18 6.68
N ASN C 396 25.18 16.33 6.35
CA ASN C 396 25.64 17.55 5.69
C ASN C 396 25.08 17.66 4.28
N PHE C 397 25.16 16.60 3.48
CA PHE C 397 24.66 16.67 2.12
C PHE C 397 24.20 15.29 1.67
N VAL C 398 23.21 15.28 0.78
CA VAL C 398 22.63 14.04 0.26
C VAL C 398 22.63 14.12 -1.26
N ILE C 399 22.87 12.97 -1.89
CA ILE C 399 22.93 12.88 -3.35
C ILE C 399 21.67 12.18 -3.84
N LEU C 400 20.89 12.85 -4.67
CA LEU C 400 19.72 12.26 -5.30
C LEU C 400 20.10 11.76 -6.69
N HIS C 401 19.55 10.60 -7.06
CA HIS C 401 19.99 9.91 -8.26
C HIS C 401 18.87 8.99 -8.73
N ALA C 402 19.10 8.35 -9.87
CA ALA C 402 18.20 7.34 -10.38
C ALA C 402 18.54 5.98 -9.79
N ARG C 403 17.64 5.02 -9.99
CA ARG C 403 17.85 3.68 -9.46
C ARG C 403 19.07 3.02 -10.08
N ALA C 404 19.22 3.15 -11.40
CA ALA C 404 20.29 2.44 -12.11
C ALA C 404 21.66 2.94 -11.71
N ASP C 405 21.83 4.26 -11.57
CA ASP C 405 23.14 4.86 -11.35
C ASP C 405 23.47 4.86 -9.85
N GLU C 406 23.59 3.65 -9.31
CA GLU C 406 23.94 3.51 -7.89
C GLU C 406 25.42 3.80 -7.66
N HIS C 407 26.28 3.30 -8.55
CA HIS C 407 27.72 3.43 -8.35
C HIS C 407 28.20 4.87 -8.47
N ILE C 408 27.58 5.65 -9.36
CA ILE C 408 28.00 7.03 -9.56
C ILE C 408 27.77 7.84 -8.29
N ALA C 409 26.68 7.57 -7.58
CA ALA C 409 26.41 8.27 -6.33
C ALA C 409 27.51 7.99 -5.31
N LEU C 410 27.90 6.73 -5.16
CA LEU C 410 28.96 6.38 -4.22
C LEU C 410 30.28 7.02 -4.63
N ARG C 411 30.58 7.02 -5.93
CA ARG C 411 31.82 7.62 -6.40
C ARG C 411 31.86 9.11 -6.10
N VAL C 412 30.76 9.82 -6.37
CA VAL C 412 30.72 11.25 -6.11
C VAL C 412 30.77 11.53 -4.62
N ARG C 413 30.12 10.69 -3.81
CA ARG C 413 30.19 10.86 -2.36
C ARG C 413 31.62 10.71 -1.86
N GLU C 414 32.33 9.67 -2.32
CA GLU C 414 33.72 9.49 -1.91
C GLU C 414 34.57 10.67 -2.35
N LYS C 415 34.39 11.13 -3.59
CA LYS C 415 35.18 12.25 -4.08
C LYS C 415 34.93 13.51 -3.27
N LEU C 416 33.66 13.78 -2.95
CA LEU C 416 33.34 15.01 -2.22
C LEU C 416 33.79 14.92 -0.77
N GLU C 417 33.79 13.72 -0.19
CA GLU C 417 34.36 13.56 1.15
C GLU C 417 35.87 13.75 1.11
N ALA C 418 36.52 13.34 0.01
CA ALA C 418 37.96 13.53 -0.10
C ALA C 418 38.32 15.01 -0.10
N LEU C 419 37.49 15.85 -0.71
CA LEU C 419 37.76 17.28 -0.78
C LEU C 419 37.71 17.95 0.59
N GLY C 420 37.07 17.32 1.58
CA GLY C 420 37.06 17.87 2.92
C GLY C 420 35.70 18.24 3.47
N VAL C 421 34.66 17.55 3.02
CA VAL C 421 33.31 17.75 3.53
C VAL C 421 32.92 16.51 4.33
N PRO C 422 32.78 16.61 5.65
CA PRO C 422 32.46 15.42 6.45
C PRO C 422 31.00 15.01 6.29
N ASP C 423 30.72 13.79 6.74
CA ASP C 423 29.37 13.21 6.72
C ASP C 423 28.81 13.17 5.30
N GLY C 424 29.47 12.37 4.48
CA GLY C 424 29.08 12.21 3.09
C GLY C 424 27.91 11.28 2.90
N ALA C 425 26.71 11.76 3.20
CA ALA C 425 25.52 10.95 3.04
C ALA C 425 25.17 10.77 1.56
N THR C 426 24.33 9.78 1.29
CA THR C 426 23.81 9.53 -0.04
C THR C 426 22.34 9.17 0.07
N PHE C 427 21.71 8.92 -1.07
CA PHE C 427 20.29 8.59 -1.07
C PHE C 427 20.05 7.23 -0.42
N CYS C 428 20.98 6.29 -0.61
CA CYS C 428 20.87 4.99 0.02
C CYS C 428 21.24 5.01 1.50
N GLU C 429 21.76 6.13 2.01
CA GLU C 429 22.03 6.22 3.44
C GLU C 429 20.74 6.28 4.24
N ASP C 430 19.77 7.07 3.79
CA ASP C 430 18.47 7.16 4.44
C ASP C 430 17.37 6.50 3.61
N PHE C 431 17.74 5.59 2.72
CA PHE C 431 16.79 4.81 1.92
C PHE C 431 16.34 3.60 2.74
N GLN C 432 15.58 3.89 3.80
CA GLN C 432 15.10 2.84 4.68
C GLN C 432 14.30 1.81 3.90
N VAL C 433 14.54 0.54 4.21
CA VAL C 433 13.95 -0.55 3.44
C VAL C 433 12.43 -0.63 3.65
N PRO C 434 11.92 -0.83 4.86
CA PRO C 434 10.49 -1.10 5.01
C PRO C 434 9.65 0.17 5.07
N GLY C 435 8.37 0.01 4.80
CA GLY C 435 7.40 1.07 4.99
C GLY C 435 7.47 2.18 3.95
N ARG C 436 8.66 2.71 3.73
CA ARG C 436 8.82 3.81 2.78
C ARG C 436 8.93 3.28 1.36
N GLY C 437 8.11 3.82 0.46
CA GLY C 437 8.39 3.67 -0.96
C GLY C 437 8.92 4.97 -1.55
N GLU C 438 8.23 6.07 -1.24
CA GLU C 438 8.75 7.40 -1.49
C GLU C 438 8.32 8.37 -0.40
N LEU C 439 7.80 7.88 0.73
CA LEU C 439 7.19 8.74 1.73
C LEU C 439 8.23 9.56 2.46
N SER C 440 9.13 8.91 3.20
CA SER C 440 10.19 9.63 3.88
C SER C 440 11.57 9.36 3.29
N CYS C 441 11.74 8.25 2.57
CA CYS C 441 13.02 8.00 1.91
C CYS C 441 13.33 9.11 0.91
N LEU C 442 12.29 9.72 0.35
CA LEU C 442 12.48 10.95 -0.42
C LEU C 442 12.36 12.20 0.44
N GLN C 443 11.69 12.12 1.58
CA GLN C 443 11.48 13.28 2.44
C GLN C 443 12.56 13.44 3.49
N ASP C 444 12.99 12.34 4.14
CA ASP C 444 14.08 12.43 5.08
C ASP C 444 15.37 12.88 4.41
N ALA C 445 15.53 12.55 3.13
CA ALA C 445 16.66 13.09 2.38
C ALA C 445 16.54 14.60 2.25
N ILE C 446 15.34 15.10 1.96
CA ILE C 446 15.14 16.55 1.87
C ILE C 446 15.21 17.18 3.25
N ASP C 447 14.54 16.56 4.23
CA ASP C 447 14.39 17.20 5.54
C ASP C 447 15.69 17.21 6.32
N HIS C 448 16.40 16.08 6.35
CA HIS C 448 17.55 15.89 7.23
C HIS C 448 18.87 16.10 6.50
N SER C 449 18.93 17.01 5.54
CA SER C 449 20.17 17.30 4.84
C SER C 449 20.33 18.81 4.68
N ALA C 450 21.54 19.30 4.93
CA ALA C 450 21.81 20.71 4.79
C ALA C 450 21.84 21.13 3.31
N PHE C 451 22.46 20.30 2.47
CA PHE C 451 22.53 20.56 1.04
C PHE C 451 22.00 19.36 0.29
N ILE C 452 21.24 19.62 -0.77
CA ILE C 452 20.68 18.57 -1.63
C ILE C 452 21.37 18.68 -2.98
N ILE C 453 21.85 17.56 -3.49
CA ILE C 453 22.59 17.52 -4.75
C ILE C 453 21.87 16.57 -5.70
N LEU C 454 21.59 17.06 -6.91
CA LEU C 454 20.86 16.29 -7.91
C LEU C 454 21.82 15.90 -9.03
N LEU C 455 21.97 14.59 -9.23
CA LEU C 455 22.84 14.09 -10.30
C LEU C 455 22.09 14.18 -11.63
N LEU C 456 22.55 15.05 -12.52
CA LEU C 456 21.92 15.22 -13.83
C LEU C 456 22.49 14.23 -14.84
N THR C 457 22.27 12.95 -14.55
CA THR C 457 22.76 11.88 -15.40
C THR C 457 21.77 11.60 -16.53
N SER C 458 22.18 10.71 -17.44
CA SER C 458 21.30 10.34 -18.55
C SER C 458 20.12 9.50 -18.08
N ASN C 459 20.28 8.78 -16.98
CA ASN C 459 19.20 7.99 -16.40
C ASN C 459 18.26 8.84 -15.55
N PHE C 460 18.55 10.12 -15.39
CA PHE C 460 17.77 11.02 -14.57
C PHE C 460 16.59 11.62 -15.30
N ASP C 461 16.28 11.11 -16.50
CA ASP C 461 15.14 11.56 -17.28
C ASP C 461 13.87 10.80 -16.95
N CYS C 462 13.90 9.92 -15.96
CA CYS C 462 12.74 9.12 -15.62
C CYS C 462 11.60 10.00 -15.12
N ARG C 463 10.39 9.47 -15.27
CA ARG C 463 9.20 10.20 -14.85
C ARG C 463 9.21 10.45 -13.34
N LEU C 464 9.66 9.47 -12.57
CA LEU C 464 9.80 9.66 -11.12
C LEU C 464 10.86 10.71 -10.79
N SER C 465 11.90 10.80 -11.62
CA SER C 465 12.97 11.76 -11.36
C SER C 465 12.47 13.20 -11.46
N LEU C 466 11.59 13.48 -12.42
CA LEU C 466 11.04 14.82 -12.53
C LEU C 466 10.24 15.19 -11.28
N HIS C 467 9.45 14.25 -10.76
CA HIS C 467 8.73 14.50 -9.53
C HIS C 467 9.68 14.71 -8.36
N GLN C 468 10.79 13.95 -8.34
CA GLN C 468 11.78 14.14 -7.28
C GLN C 468 12.37 15.54 -7.33
N VAL C 469 12.70 16.01 -8.53
CA VAL C 469 13.26 17.36 -8.70
C VAL C 469 12.23 18.40 -8.26
N ASN C 470 10.97 18.21 -8.65
CA ASN C 470 9.93 19.16 -8.25
C ASN C 470 9.80 19.21 -6.74
N GLN C 471 9.78 18.04 -6.09
CA GLN C 471 9.65 17.99 -4.65
C GLN C 471 10.82 18.68 -3.97
N ALA C 472 12.04 18.39 -4.42
CA ALA C 472 13.22 18.99 -3.80
C ALA C 472 13.21 20.51 -3.96
N MET C 473 12.96 20.99 -5.18
CA MET C 473 12.98 22.43 -5.42
C MET C 473 11.88 23.14 -4.63
N MET C 474 10.67 22.58 -4.62
CA MET C 474 9.58 23.25 -3.93
C MET C 474 9.77 23.21 -2.41
N SER C 475 10.31 22.13 -1.88
CA SER C 475 10.61 22.08 -0.46
C SER C 475 11.70 23.08 -0.10
N ASN C 476 12.69 23.24 -0.97
CA ASN C 476 13.72 24.25 -0.73
C ASN C 476 13.12 25.65 -0.74
N LEU C 477 12.23 25.93 -1.69
CA LEU C 477 11.68 27.28 -1.83
C LEU C 477 10.72 27.60 -0.69
N THR C 478 9.93 26.62 -0.24
CA THR C 478 9.02 26.86 0.88
C THR C 478 9.79 26.98 2.20
N ARG C 479 10.86 26.21 2.36
CA ARG C 479 11.66 26.28 3.56
C ARG C 479 12.32 27.64 3.69
N GLN C 480 12.57 28.06 4.92
CA GLN C 480 13.17 29.36 5.21
C GLN C 480 14.68 29.21 5.38
N GLY C 481 15.43 30.10 4.76
CA GLY C 481 16.87 30.10 4.87
C GLY C 481 17.54 29.19 3.87
N SER C 482 18.84 29.40 3.70
CA SER C 482 19.69 28.63 2.79
C SER C 482 19.10 28.61 1.39
N PRO C 483 19.17 29.72 0.65
CA PRO C 483 18.50 29.78 -0.66
C PRO C 483 19.00 28.77 -1.68
N ASP C 484 20.26 28.36 -1.60
CA ASP C 484 20.88 27.53 -2.62
C ASP C 484 21.11 26.09 -2.14
N CYS C 485 20.13 25.53 -1.43
CA CYS C 485 20.25 24.15 -0.99
C CYS C 485 20.35 23.19 -2.17
N VAL C 486 19.52 23.40 -3.20
CA VAL C 486 19.49 22.48 -4.34
C VAL C 486 20.65 22.81 -5.27
N ILE C 487 21.44 21.79 -5.60
CA ILE C 487 22.64 21.95 -6.41
C ILE C 487 22.65 20.93 -7.54
N PRO C 488 22.55 21.35 -8.79
CA PRO C 488 22.78 20.42 -9.90
C PRO C 488 24.23 19.95 -9.89
N PHE C 489 24.42 18.71 -10.34
CA PHE C 489 25.75 18.13 -10.41
C PHE C 489 25.90 17.39 -11.74
N LEU C 490 27.08 17.51 -12.33
CA LEU C 490 27.39 16.83 -13.60
C LEU C 490 28.62 15.97 -13.41
N PRO C 491 28.45 14.67 -13.16
CA PRO C 491 29.61 13.78 -13.07
C PRO C 491 30.26 13.56 -14.43
N LEU C 492 31.51 13.08 -14.38
CA LEU C 492 32.24 12.82 -15.62
C LEU C 492 31.56 11.77 -16.47
N GLU C 493 30.82 10.84 -15.85
CA GLU C 493 30.12 9.82 -16.61
C GLU C 493 29.03 10.40 -17.49
N SER C 494 28.59 11.62 -17.23
CA SER C 494 27.62 12.31 -18.05
C SER C 494 28.29 13.44 -18.82
N SER C 495 27.53 14.02 -19.75
CA SER C 495 28.03 15.09 -20.60
C SER C 495 27.03 16.24 -20.61
N PRO C 496 27.50 17.47 -20.87
CA PRO C 496 26.56 18.58 -21.00
C PRO C 496 25.53 18.39 -22.10
N ALA C 497 25.91 17.72 -23.18
CA ALA C 497 24.94 17.43 -24.24
C ALA C 497 23.95 16.37 -23.83
N GLN C 498 24.28 15.56 -22.82
CA GLN C 498 23.37 14.52 -22.35
C GLN C 498 22.23 15.07 -21.51
N LEU C 499 22.24 16.37 -21.20
CA LEU C 499 21.19 16.97 -20.39
C LEU C 499 19.85 16.85 -21.10
N SER C 500 18.97 16.00 -20.56
CA SER C 500 17.63 15.87 -21.09
C SER C 500 16.83 17.13 -20.78
N SER C 501 16.09 17.61 -21.77
CA SER C 501 15.42 18.90 -21.62
C SER C 501 14.39 18.87 -20.50
N ASP C 502 13.63 17.78 -20.38
CA ASP C 502 12.49 17.74 -19.47
C ASP C 502 12.91 17.99 -18.03
N THR C 503 14.03 17.42 -17.60
CA THR C 503 14.50 17.59 -16.23
C THR C 503 15.53 18.69 -16.08
N ALA C 504 16.46 18.83 -17.04
CA ALA C 504 17.49 19.85 -16.91
C ALA C 504 16.92 21.26 -17.05
N SER C 505 15.80 21.40 -17.78
CA SER C 505 15.20 22.72 -17.93
C SER C 505 14.70 23.27 -16.60
N LEU C 506 14.46 22.42 -15.61
CA LEU C 506 14.06 22.89 -14.29
C LEU C 506 15.21 23.59 -13.58
N LEU C 507 16.45 23.23 -13.91
CA LEU C 507 17.64 23.76 -13.25
C LEU C 507 18.52 24.51 -14.23
N SER C 508 17.91 25.31 -15.10
CA SER C 508 18.68 26.06 -16.09
C SER C 508 19.47 27.19 -15.44
N GLY C 509 18.94 27.79 -14.37
CA GLY C 509 19.60 28.92 -13.74
C GLY C 509 19.99 28.71 -12.29
N LEU C 510 20.54 27.54 -11.96
CA LEU C 510 20.87 27.21 -10.59
C LEU C 510 22.39 27.16 -10.39
N VAL C 511 22.79 26.73 -9.19
CA VAL C 511 24.20 26.64 -8.81
C VAL C 511 24.78 25.35 -9.37
N ARG C 512 25.29 25.41 -10.59
CA ARG C 512 25.75 24.19 -11.25
C ARG C 512 27.19 23.85 -10.87
N LEU C 513 27.42 22.59 -10.56
CA LEU C 513 28.75 22.06 -10.29
C LEU C 513 29.11 21.05 -11.37
N ASP C 514 30.29 21.21 -11.96
CA ASP C 514 30.74 20.39 -13.07
C ASP C 514 32.08 19.75 -12.74
N GLU C 515 32.17 18.44 -12.95
CA GLU C 515 33.47 17.78 -12.83
C GLU C 515 34.36 18.09 -14.02
N HIS C 516 33.77 18.38 -15.19
CA HIS C 516 34.55 18.78 -16.34
C HIS C 516 35.29 20.08 -16.10
N SER C 517 34.78 20.95 -15.23
CA SER C 517 35.45 22.21 -14.93
C SER C 517 36.70 21.95 -14.10
N GLN C 518 37.74 22.76 -14.34
CA GLN C 518 39.00 22.64 -13.63
C GLN C 518 39.04 23.45 -12.35
N ILE C 519 37.99 24.23 -12.06
CA ILE C 519 37.91 24.99 -10.83
C ILE C 519 36.99 24.29 -9.81
N PHE C 520 36.84 22.97 -9.94
CA PHE C 520 35.89 22.23 -9.13
C PHE C 520 36.18 22.37 -7.64
N ALA C 521 37.46 22.27 -7.26
CA ALA C 521 37.81 22.32 -5.84
C ALA C 521 37.42 23.67 -5.22
N ARG C 522 37.69 24.76 -5.93
CA ARG C 522 37.33 26.08 -5.42
C ARG C 522 35.81 26.24 -5.31
N LYS C 523 35.06 25.73 -6.28
CA LYS C 523 33.60 25.77 -6.20
C LYS C 523 33.10 24.99 -4.99
N VAL C 524 33.68 23.82 -4.75
CA VAL C 524 33.27 23.02 -3.60
C VAL C 524 33.58 23.75 -2.30
N ALA C 525 34.77 24.34 -2.21
CA ALA C 525 35.13 25.09 -1.01
C ALA C 525 34.20 26.27 -0.78
N ASN C 526 33.85 26.98 -1.86
CA ASN C 526 32.96 28.13 -1.74
C ASN C 526 31.57 27.71 -1.31
N THR C 527 31.06 26.61 -1.88
CA THR C 527 29.69 26.18 -1.57
C THR C 527 29.59 25.62 -0.15
N PHE C 528 30.52 24.78 0.25
CA PHE C 528 30.48 24.14 1.56
C PHE C 528 31.32 24.92 2.56
N LYS C 529 30.78 26.06 2.96
CA LYS C 529 31.44 26.92 3.93
C LYS C 529 31.38 26.30 5.33
N PRO C 530 32.27 26.73 6.23
CA PRO C 530 32.23 26.17 7.60
C PRO C 530 30.89 26.30 8.29
N HIS C 531 30.18 27.41 8.11
CA HIS C 531 28.87 27.59 8.73
C HIS C 531 27.81 26.88 7.91
N ARG C 532 27.07 25.97 8.54
CA ARG C 532 26.11 25.10 7.86
C ARG C 532 24.79 25.10 8.61
N LEU C 533 23.92 26.06 8.28
CA LEU C 533 22.54 26.08 8.73
C LEU C 533 22.40 25.89 10.25
N GLN C 534 21.41 25.09 10.65
CA GLN C 534 21.12 24.85 12.06
C GLN C 534 20.33 23.55 12.15
N ALA C 535 19.90 23.23 13.38
CA ALA C 535 19.12 22.03 13.62
C ALA C 535 17.67 22.22 13.18
N LYS D 393 9.26 -16.34 23.11
CA LYS D 393 8.38 -15.68 22.16
C LYS D 393 8.95 -14.32 21.75
N PHE D 394 8.13 -13.53 21.05
CA PHE D 394 8.50 -12.19 20.58
C PHE D 394 9.79 -12.24 19.76
N TYR D 395 9.70 -12.95 18.64
CA TYR D 395 10.84 -13.15 17.76
C TYR D 395 11.14 -11.88 16.98
N ASN D 396 12.41 -11.70 16.63
CA ASN D 396 12.84 -10.47 15.98
C ASN D 396 12.22 -10.31 14.60
N PHE D 397 12.18 -11.37 13.80
CA PHE D 397 11.61 -11.27 12.46
C PHE D 397 11.13 -12.63 12.01
N VAL D 398 10.09 -12.64 11.17
CA VAL D 398 9.53 -13.86 10.62
C VAL D 398 9.49 -13.73 9.10
N ILE D 399 9.44 -14.87 8.42
CA ILE D 399 9.40 -14.93 6.97
C ILE D 399 8.10 -15.57 6.56
N LEU D 400 7.26 -14.84 5.83
CA LEU D 400 6.03 -15.36 5.26
C LEU D 400 6.30 -15.83 3.85
N HIS D 401 5.90 -17.06 3.54
CA HIS D 401 6.30 -17.69 2.30
C HIS D 401 5.24 -18.70 1.88
N ALA D 402 5.31 -19.09 0.61
CA ALA D 402 4.45 -20.16 0.13
C ALA D 402 4.86 -21.48 0.74
N ARG D 403 3.93 -22.43 0.77
CA ARG D 403 4.19 -23.72 1.38
C ARG D 403 5.30 -24.46 0.64
N ALA D 404 5.38 -24.32 -0.68
CA ALA D 404 6.37 -25.05 -1.45
C ALA D 404 7.79 -24.58 -1.13
N ASP D 405 7.98 -23.28 -0.95
CA ASP D 405 9.32 -22.69 -0.86
C ASP D 405 9.77 -22.58 0.59
N GLU D 406 9.84 -23.72 1.27
CA GLU D 406 10.34 -23.73 2.64
C GLU D 406 11.86 -23.63 2.69
N HIS D 407 12.55 -24.27 1.73
CA HIS D 407 14.00 -24.25 1.71
C HIS D 407 14.53 -22.84 1.51
N ILE D 408 13.88 -22.06 0.65
CA ILE D 408 14.27 -20.68 0.44
C ILE D 408 14.11 -19.88 1.73
N ALA D 409 13.03 -20.12 2.46
CA ALA D 409 12.82 -19.44 3.74
C ALA D 409 13.93 -19.79 4.73
N LEU D 410 14.29 -21.07 4.81
CA LEU D 410 15.36 -21.49 5.71
C LEU D 410 16.68 -20.83 5.31
N ARG D 411 16.98 -20.80 4.02
CA ARG D 411 18.22 -20.19 3.55
C ARG D 411 18.27 -18.71 3.89
N VAL D 412 17.15 -18.01 3.67
CA VAL D 412 17.12 -16.59 3.96
C VAL D 412 17.26 -16.34 5.46
N ARG D 413 16.62 -17.17 6.28
CA ARG D 413 16.77 -17.02 7.72
C ARG D 413 18.21 -17.20 8.15
N GLU D 414 18.88 -18.24 7.63
CA GLU D 414 20.27 -18.47 7.99
C GLU D 414 21.15 -17.30 7.55
N LYS D 415 20.96 -16.82 6.31
CA LYS D 415 21.77 -15.72 5.82
C LYS D 415 21.55 -14.45 6.64
N LEU D 416 20.29 -14.15 6.97
CA LEU D 416 20.00 -12.92 7.68
C LEU D 416 20.47 -12.99 9.13
N GLU D 417 20.46 -14.18 9.73
CA GLU D 417 21.03 -14.34 11.06
C GLU D 417 22.54 -14.20 11.02
N ALA D 418 23.17 -14.67 9.94
CA ALA D 418 24.61 -14.55 9.81
C ALA D 418 25.06 -13.10 9.78
N LEU D 419 24.27 -12.22 9.17
CA LEU D 419 24.65 -10.82 9.06
C LEU D 419 24.69 -10.09 10.40
N GLY D 420 24.06 -10.65 11.43
CA GLY D 420 24.12 -10.04 12.75
C GLY D 420 22.78 -9.70 13.35
N VAL D 421 21.72 -10.38 12.93
CA VAL D 421 20.40 -10.20 13.50
C VAL D 421 20.08 -11.46 14.32
N PRO D 422 20.08 -11.38 15.63
CA PRO D 422 19.87 -12.57 16.46
C PRO D 422 18.40 -12.96 16.51
N ASP D 423 18.18 -14.18 16.99
CA ASP D 423 16.83 -14.73 17.19
C ASP D 423 16.03 -14.73 15.89
N GLY D 424 16.63 -15.27 14.83
CA GLY D 424 15.93 -15.41 13.57
C GLY D 424 14.79 -16.42 13.67
N ALA D 425 13.79 -16.23 12.83
CA ALA D 425 12.62 -17.09 12.83
C ALA D 425 12.13 -17.28 11.40
N THR D 426 11.11 -18.11 11.25
CA THR D 426 10.49 -18.35 9.96
C THR D 426 9.04 -18.74 10.21
N PHE D 427 8.26 -18.84 9.13
CA PHE D 427 6.86 -19.19 9.28
C PHE D 427 6.71 -20.59 9.86
N CYS D 428 7.55 -21.53 9.41
CA CYS D 428 7.52 -22.89 9.93
C CYS D 428 8.02 -22.99 11.37
N GLU D 429 8.59 -21.92 11.92
CA GLU D 429 8.95 -21.93 13.34
C GLU D 429 7.71 -21.91 14.22
N ASP D 430 6.75 -21.03 13.93
CA ASP D 430 5.49 -20.97 14.66
C ASP D 430 4.31 -21.49 13.82
N PHE D 431 4.59 -22.26 12.78
CA PHE D 431 3.56 -22.91 11.98
C PHE D 431 3.11 -24.18 12.72
N GLN D 432 2.40 -23.94 13.82
CA GLN D 432 2.04 -25.02 14.73
C GLN D 432 1.21 -26.08 14.02
N VAL D 433 1.46 -27.34 14.35
CA VAL D 433 0.86 -28.47 13.64
C VAL D 433 -0.57 -28.76 14.08
N PRO D 434 -0.90 -28.76 15.38
CA PRO D 434 -2.30 -29.02 15.75
C PRO D 434 -3.20 -27.87 15.33
N GLY D 435 -4.20 -28.19 14.51
CA GLY D 435 -5.35 -27.32 14.32
C GLY D 435 -5.12 -26.03 13.55
N ARG D 436 -4.17 -25.22 14.00
CA ARG D 436 -4.09 -23.81 13.58
C ARG D 436 -3.66 -23.72 12.13
N GLY D 437 -4.63 -23.88 11.23
CA GLY D 437 -4.33 -23.83 9.80
C GLY D 437 -3.87 -22.46 9.35
N GLU D 438 -4.74 -21.46 9.51
CA GLU D 438 -4.35 -20.08 9.30
C GLU D 438 -4.99 -19.14 10.31
N LEU D 439 -5.72 -19.66 11.30
CA LEU D 439 -6.44 -18.82 12.23
C LEU D 439 -5.49 -18.10 13.18
N SER D 440 -4.76 -18.85 14.00
CA SER D 440 -3.87 -18.26 14.97
C SER D 440 -2.40 -18.44 14.63
N CYS D 441 -2.05 -19.42 13.80
CA CYS D 441 -0.67 -19.58 13.39
C CYS D 441 -0.18 -18.35 12.65
N LEU D 442 -0.96 -17.87 11.68
CA LEU D 442 -0.64 -16.61 11.03
C LEU D 442 -0.71 -15.46 12.01
N GLN D 443 -1.72 -15.47 12.90
CA GLN D 443 -1.81 -14.43 13.91
C GLN D 443 -0.64 -14.49 14.88
N ASP D 444 -0.19 -15.70 15.23
CA ASP D 444 1.02 -15.82 16.03
C ASP D 444 2.25 -15.32 15.31
N ALA D 445 2.32 -15.50 14.00
CA ALA D 445 3.45 -14.99 13.24
C ALA D 445 3.43 -13.47 13.16
N ILE D 446 2.24 -12.88 13.01
CA ILE D 446 2.15 -11.43 12.86
C ILE D 446 2.35 -10.73 14.19
N ASP D 447 1.61 -11.17 15.21
CA ASP D 447 1.61 -10.47 16.50
C ASP D 447 2.95 -10.59 17.21
N HIS D 448 3.56 -11.78 17.19
CA HIS D 448 4.75 -12.07 17.98
C HIS D 448 6.03 -11.87 17.19
N SER D 449 6.04 -10.97 16.22
CA SER D 449 7.24 -10.69 15.43
C SER D 449 7.47 -9.19 15.38
N ALA D 450 8.72 -8.78 15.61
CA ALA D 450 9.05 -7.36 15.52
C ALA D 450 9.06 -6.91 14.07
N PHE D 451 9.48 -7.77 13.15
CA PHE D 451 9.50 -7.45 11.73
C PHE D 451 8.87 -8.60 10.95
N ILE D 452 8.21 -8.26 9.84
CA ILE D 452 7.59 -9.23 8.96
C ILE D 452 8.23 -9.09 7.59
N ILE D 453 8.68 -10.21 7.03
CA ILE D 453 9.45 -10.22 5.79
C ILE D 453 8.72 -11.12 4.81
N LEU D 454 8.01 -10.52 3.85
CA LEU D 454 7.35 -11.29 2.82
C LEU D 454 8.37 -11.80 1.81
N LEU D 455 8.30 -13.08 1.48
CA LEU D 455 9.26 -13.72 0.58
C LEU D 455 8.61 -13.84 -0.80
N LEU D 456 8.73 -12.78 -1.59
CA LEU D 456 8.17 -12.78 -2.93
C LEU D 456 8.88 -13.81 -3.80
N THR D 457 8.10 -14.57 -4.55
CA THR D 457 8.65 -15.61 -5.42
C THR D 457 7.58 -15.99 -6.44
N SER D 458 7.92 -16.94 -7.31
CA SER D 458 6.99 -17.40 -8.33
C SER D 458 5.84 -18.20 -7.73
N ASN D 459 6.06 -18.86 -6.59
CA ASN D 459 5.02 -19.62 -5.91
C ASN D 459 4.20 -18.75 -4.97
N PHE D 460 4.47 -17.45 -4.92
CA PHE D 460 3.80 -16.52 -4.03
C PHE D 460 2.65 -15.79 -4.71
N ASP D 461 2.14 -16.34 -5.82
CA ASP D 461 1.08 -15.70 -6.58
C ASP D 461 -0.31 -16.25 -6.27
N CYS D 462 -0.40 -17.31 -5.49
CA CYS D 462 -1.68 -17.94 -5.23
C CYS D 462 -2.58 -17.02 -4.40
N ARG D 463 -3.87 -17.34 -4.39
CA ARG D 463 -4.85 -16.51 -3.69
C ARG D 463 -4.59 -16.50 -2.19
N LEU D 464 -4.17 -17.64 -1.64
CA LEU D 464 -3.84 -17.69 -0.22
C LEU D 464 -2.68 -16.74 0.10
N SER D 465 -1.69 -16.69 -0.78
CA SER D 465 -0.58 -15.76 -0.59
C SER D 465 -1.05 -14.31 -0.64
N LEU D 466 -1.96 -14.00 -1.57
CA LEU D 466 -2.50 -12.66 -1.65
C LEU D 466 -3.23 -12.29 -0.37
N HIS D 467 -4.01 -13.21 0.18
CA HIS D 467 -4.68 -12.95 1.44
C HIS D 467 -3.68 -12.76 2.57
N GLN D 468 -2.60 -13.54 2.56
CA GLN D 468 -1.56 -13.39 3.58
C GLN D 468 -0.94 -11.99 3.52
N VAL D 469 -0.62 -11.53 2.32
CA VAL D 469 -0.04 -10.19 2.18
C VAL D 469 -1.02 -9.13 2.64
N ASN D 470 -2.28 -9.27 2.22
CA ASN D 470 -3.31 -8.31 2.60
C ASN D 470 -3.44 -8.24 4.12
N GLN D 471 -3.52 -9.40 4.77
CA GLN D 471 -3.70 -9.44 6.21
C GLN D 471 -2.49 -8.86 6.94
N ALA D 472 -1.28 -9.22 6.51
CA ALA D 472 -0.08 -8.69 7.16
C ALA D 472 0.00 -7.18 7.02
N MET D 473 -0.24 -6.67 5.80
CA MET D 473 -0.17 -5.23 5.58
C MET D 473 -1.21 -4.49 6.40
N MET D 474 -2.44 -4.99 6.42
CA MET D 474 -3.50 -4.31 7.16
C MET D 474 -3.24 -4.35 8.66
N SER D 475 -2.77 -5.49 9.18
CA SER D 475 -2.47 -5.58 10.60
C SER D 475 -1.34 -4.64 10.97
N ASN D 476 -0.32 -4.53 10.12
CA ASN D 476 0.77 -3.58 10.40
C ASN D 476 0.27 -2.15 10.36
N LEU D 477 -0.57 -1.81 9.39
CA LEU D 477 -1.02 -0.43 9.23
C LEU D 477 -1.95 0.00 10.36
N THR D 478 -2.86 -0.89 10.77
CA THR D 478 -3.79 -0.57 11.85
C THR D 478 -3.14 -0.61 13.23
N ARG D 479 -2.04 -1.34 13.38
CA ARG D 479 -1.39 -1.49 14.67
C ARG D 479 -0.86 -0.16 15.18
N GLN D 480 -0.80 -0.03 16.49
CA GLN D 480 -0.26 1.17 17.13
C GLN D 480 1.26 1.12 17.12
N GLY D 481 1.89 2.23 16.74
CA GLY D 481 3.33 2.28 16.66
C GLY D 481 3.88 1.42 15.53
N SER D 482 5.19 1.15 15.61
CA SER D 482 5.89 0.33 14.63
C SER D 482 5.65 0.85 13.23
N PRO D 483 6.24 2.00 12.85
CA PRO D 483 5.89 2.61 11.57
C PRO D 483 6.13 1.73 10.36
N ASP D 484 7.21 0.95 10.35
CA ASP D 484 7.58 0.13 9.20
C ASP D 484 7.91 -1.28 9.67
N CYS D 485 7.06 -2.23 9.30
CA CYS D 485 7.28 -3.63 9.64
C CYS D 485 7.37 -4.53 8.42
N VAL D 486 6.45 -4.40 7.47
CA VAL D 486 6.39 -5.31 6.34
C VAL D 486 7.55 -4.99 5.40
N ILE D 487 8.48 -5.93 5.27
CA ILE D 487 9.67 -5.78 4.44
C ILE D 487 9.54 -6.71 3.24
N PRO D 488 9.23 -6.20 2.05
CA PRO D 488 9.31 -7.05 0.86
C PRO D 488 10.73 -7.58 0.68
N PHE D 489 10.82 -8.84 0.26
CA PHE D 489 12.11 -9.49 0.10
C PHE D 489 12.16 -10.15 -1.27
N LEU D 490 13.28 -9.98 -1.96
CA LEU D 490 13.53 -10.63 -3.24
C LEU D 490 14.70 -11.58 -3.09
N PRO D 491 14.50 -12.88 -3.05
CA PRO D 491 15.61 -13.82 -2.94
C PRO D 491 16.33 -14.00 -4.27
N LEU D 492 17.54 -14.55 -4.18
CA LEU D 492 18.35 -14.75 -5.38
C LEU D 492 17.70 -15.71 -6.36
N GLU D 493 16.84 -16.61 -5.87
CA GLU D 493 16.18 -17.56 -6.75
C GLU D 493 15.27 -16.86 -7.75
N SER D 494 14.55 -15.84 -7.31
CA SER D 494 13.69 -15.09 -8.20
C SER D 494 14.47 -13.97 -8.88
N SER D 495 13.78 -13.23 -9.75
CA SER D 495 14.36 -12.13 -10.49
C SER D 495 13.49 -10.89 -10.33
N PRO D 496 14.07 -9.69 -10.52
CA PRO D 496 13.25 -8.46 -10.40
C PRO D 496 12.10 -8.41 -11.39
N ALA D 497 12.24 -9.05 -12.55
CA ALA D 497 11.19 -9.06 -13.55
C ALA D 497 10.17 -10.18 -13.33
N GLN D 498 10.38 -11.03 -12.33
CA GLN D 498 9.50 -12.14 -12.05
C GLN D 498 8.47 -11.83 -10.98
N LEU D 499 8.28 -10.56 -10.64
CA LEU D 499 7.28 -10.20 -9.64
C LEU D 499 5.89 -10.58 -10.12
N SER D 500 5.13 -11.25 -9.24
CA SER D 500 3.77 -11.61 -9.57
C SER D 500 2.90 -10.36 -9.58
N SER D 501 2.19 -10.15 -10.69
CA SER D 501 1.44 -8.92 -10.86
C SER D 501 0.36 -8.77 -9.80
N ASP D 502 -0.33 -9.87 -9.47
CA ASP D 502 -1.45 -9.79 -8.54
C ASP D 502 -0.98 -9.43 -7.13
N THR D 503 0.12 -10.01 -6.68
CA THR D 503 0.56 -9.87 -5.30
C THR D 503 1.56 -8.74 -5.10
N ALA D 504 2.61 -8.71 -5.93
CA ALA D 504 3.66 -7.71 -5.75
C ALA D 504 3.17 -6.29 -5.98
N SER D 505 2.05 -6.12 -6.69
CA SER D 505 1.53 -4.77 -6.92
C SER D 505 1.11 -4.11 -5.62
N LEU D 506 0.76 -4.91 -4.60
CA LEU D 506 0.41 -4.33 -3.30
C LEU D 506 1.62 -3.66 -2.67
N LEU D 507 2.80 -4.25 -2.83
CA LEU D 507 4.03 -3.73 -2.27
C LEU D 507 4.78 -2.83 -3.23
N SER D 508 4.18 -2.48 -4.37
CA SER D 508 4.83 -1.60 -5.34
C SER D 508 5.12 -0.22 -4.77
N GLY D 509 4.45 0.16 -3.70
CA GLY D 509 4.68 1.44 -3.07
C GLY D 509 5.61 1.35 -1.87
N LEU D 510 6.39 0.28 -1.79
CA LEU D 510 7.34 0.08 -0.70
C LEU D 510 8.72 -0.23 -1.25
N VAL D 511 9.74 0.17 -0.52
CA VAL D 511 11.12 -0.15 -0.90
C VAL D 511 11.42 -1.59 -0.54
N ARG D 512 11.99 -2.33 -1.49
CA ARG D 512 12.30 -3.72 -1.27
C ARG D 512 13.62 -3.87 -0.52
N LEU D 513 13.92 -5.11 -0.12
CA LEU D 513 15.20 -5.45 0.47
C LEU D 513 15.80 -6.49 -0.49
N ASP D 514 16.46 -6.00 -1.53
CA ASP D 514 16.87 -6.83 -2.65
C ASP D 514 18.17 -7.57 -2.32
N GLU D 515 18.15 -8.89 -2.53
CA GLU D 515 19.36 -9.67 -2.39
C GLU D 515 20.34 -9.39 -3.52
N HIS D 516 19.82 -9.06 -4.71
CA HIS D 516 20.67 -8.80 -5.87
C HIS D 516 21.51 -7.54 -5.69
N SER D 517 21.10 -6.63 -4.81
CA SER D 517 21.81 -5.36 -4.66
C SER D 517 23.18 -5.57 -4.02
N GLN D 518 24.16 -4.82 -4.50
CA GLN D 518 25.50 -4.86 -3.93
C GLN D 518 25.58 -4.18 -2.57
N ILE D 519 24.53 -3.45 -2.18
CA ILE D 519 24.49 -2.76 -0.90
C ILE D 519 23.65 -3.54 0.12
N PHE D 520 23.50 -4.85 -0.08
CA PHE D 520 22.58 -5.65 0.72
C PHE D 520 22.96 -5.62 2.20
N ALA D 521 24.26 -5.75 2.50
CA ALA D 521 24.69 -5.78 3.90
C ALA D 521 24.38 -4.47 4.60
N ARG D 522 24.62 -3.34 3.93
CA ARG D 522 24.32 -2.05 4.54
C ARG D 522 22.83 -1.87 4.74
N LYS D 523 22.01 -2.31 3.77
CA LYS D 523 20.56 -2.21 3.94
C LYS D 523 20.09 -3.05 5.12
N VAL D 524 20.63 -4.26 5.27
CA VAL D 524 20.25 -5.11 6.39
C VAL D 524 20.65 -4.47 7.71
N ALA D 525 21.87 -3.93 7.77
CA ALA D 525 22.31 -3.27 9.01
C ALA D 525 21.47 -2.05 9.33
N ASN D 526 21.07 -1.29 8.32
CA ASN D 526 20.24 -0.11 8.53
C ASN D 526 18.83 -0.46 8.96
N THR D 527 18.28 -1.56 8.44
CA THR D 527 16.91 -1.94 8.73
C THR D 527 16.76 -2.58 10.11
N PHE D 528 17.84 -3.05 10.72
CA PHE D 528 17.79 -3.82 11.96
C PHE D 528 18.68 -3.19 13.03
N LYS D 529 18.50 -1.89 13.24
CA LYS D 529 19.28 -1.18 14.25
C LYS D 529 18.96 -1.71 15.64
N PRO D 530 19.90 -1.55 16.58
CA PRO D 530 19.69 -2.10 17.93
C PRO D 530 18.39 -1.67 18.60
N HIS D 531 17.99 -0.40 18.45
CA HIS D 531 16.72 0.03 19.03
C HIS D 531 15.58 -0.46 18.16
N ARG D 532 14.60 -1.12 18.79
CA ARG D 532 13.58 -1.84 18.07
C ARG D 532 12.32 -1.87 18.92
N LEU D 533 11.35 -2.70 18.53
CA LEU D 533 10.07 -2.79 19.22
C LEU D 533 10.24 -3.46 20.58
N GLN D 534 9.13 -3.64 21.27
CA GLN D 534 9.11 -4.29 22.58
C GLN D 534 7.79 -5.03 22.73
N ALA D 535 7.49 -5.43 23.96
CA ALA D 535 6.25 -6.13 24.26
C ALA D 535 5.04 -5.21 24.11
N LYS E 393 -31.17 -27.30 -4.16
CA LYS E 393 -29.82 -27.11 -3.64
C LYS E 393 -29.15 -25.89 -4.27
N PHE E 394 -27.86 -25.71 -3.98
CA PHE E 394 -27.06 -24.61 -4.51
C PHE E 394 -27.70 -23.26 -4.17
N TYR E 395 -27.82 -23.01 -2.87
CA TYR E 395 -28.41 -21.78 -2.37
C TYR E 395 -27.49 -20.59 -2.67
N ASN E 396 -28.10 -19.43 -2.90
CA ASN E 396 -27.34 -18.26 -3.32
C ASN E 396 -26.39 -17.78 -2.22
N PHE E 397 -26.85 -17.75 -0.97
CA PHE E 397 -25.97 -17.31 0.11
C PHE E 397 -26.40 -17.98 1.41
N VAL E 398 -25.43 -18.31 2.25
CA VAL E 398 -25.66 -18.94 3.54
C VAL E 398 -25.07 -18.03 4.62
N ILE E 399 -25.58 -18.18 5.83
CA ILE E 399 -25.20 -17.34 6.96
C ILE E 399 -24.73 -18.23 8.09
N LEU E 400 -23.42 -18.30 8.30
CA LEU E 400 -22.85 -19.01 9.44
C LEU E 400 -22.97 -18.15 10.69
N HIS E 401 -23.44 -18.74 11.77
CA HIS E 401 -23.74 -17.98 12.98
C HIS E 401 -23.59 -18.88 14.19
N ALA E 402 -23.44 -18.24 15.35
CA ALA E 402 -23.43 -18.97 16.60
C ALA E 402 -24.81 -19.56 16.88
N ARG E 403 -24.82 -20.69 17.60
CA ARG E 403 -26.08 -21.37 17.87
C ARG E 403 -27.01 -20.52 18.72
N ALA E 404 -26.43 -19.68 19.61
CA ALA E 404 -27.26 -18.87 20.48
C ALA E 404 -28.06 -17.83 19.69
N ASP E 405 -27.45 -17.22 18.68
CA ASP E 405 -28.07 -16.12 17.96
C ASP E 405 -28.76 -16.61 16.69
N GLU E 406 -29.86 -17.35 16.90
CA GLU E 406 -30.66 -17.82 15.77
C GLU E 406 -31.50 -16.70 15.18
N HIS E 407 -32.07 -15.85 16.04
CA HIS E 407 -33.00 -14.83 15.58
C HIS E 407 -32.32 -13.84 14.65
N ILE E 408 -31.08 -13.46 14.98
CA ILE E 408 -30.34 -12.46 14.22
C ILE E 408 -30.10 -12.98 12.81
N ALA E 409 -29.75 -14.26 12.68
CA ALA E 409 -29.51 -14.84 11.37
C ALA E 409 -30.77 -14.81 10.52
N LEU E 410 -31.90 -15.19 11.11
CA LEU E 410 -33.16 -15.18 10.37
C LEU E 410 -33.55 -13.77 9.95
N ARG E 411 -33.38 -12.80 10.84
CA ARG E 411 -33.71 -11.42 10.51
C ARG E 411 -32.83 -10.90 9.38
N VAL E 412 -31.54 -11.21 9.43
CA VAL E 412 -30.63 -10.77 8.37
C VAL E 412 -31.00 -11.44 7.05
N ARG E 413 -31.37 -12.72 7.09
CA ARG E 413 -31.80 -13.39 5.85
C ARG E 413 -33.03 -12.73 5.27
N GLU E 414 -34.02 -12.42 6.12
CA GLU E 414 -35.22 -11.76 5.64
C GLU E 414 -34.91 -10.40 5.03
N LYS E 415 -34.07 -9.60 5.71
CA LYS E 415 -33.71 -8.30 5.19
C LYS E 415 -33.01 -8.41 3.84
N LEU E 416 -32.01 -9.29 3.75
CA LEU E 416 -31.22 -9.38 2.54
C LEU E 416 -32.04 -9.96 1.38
N GLU E 417 -33.02 -10.82 1.69
CA GLU E 417 -33.94 -11.24 0.64
C GLU E 417 -34.85 -10.09 0.22
N ALA E 418 -35.23 -9.22 1.16
CA ALA E 418 -36.05 -8.08 0.81
C ALA E 418 -35.31 -7.12 -0.11
N LEU E 419 -34.01 -6.92 0.13
CA LEU E 419 -33.25 -5.98 -0.69
C LEU E 419 -33.20 -6.40 -2.16
N GLY E 420 -33.38 -7.69 -2.45
CA GLY E 420 -33.45 -8.11 -3.84
C GLY E 420 -32.62 -9.33 -4.20
N VAL E 421 -32.03 -9.98 -3.20
CA VAL E 421 -31.28 -11.22 -3.41
C VAL E 421 -32.25 -12.39 -3.26
N PRO E 422 -32.55 -13.12 -4.32
CA PRO E 422 -33.55 -14.19 -4.23
C PRO E 422 -32.98 -15.49 -3.69
N ASP E 423 -33.88 -16.35 -3.23
CA ASP E 423 -33.54 -17.68 -2.74
C ASP E 423 -32.49 -17.60 -1.62
N GLY E 424 -32.83 -16.87 -0.58
CA GLY E 424 -31.96 -16.75 0.57
C GLY E 424 -31.89 -18.05 1.37
N ALA E 425 -30.92 -18.10 2.27
CA ALA E 425 -30.70 -19.28 3.09
C ALA E 425 -30.06 -18.87 4.41
N THR E 426 -30.01 -19.82 5.34
CA THR E 426 -29.35 -19.63 6.61
C THR E 426 -28.69 -20.94 6.99
N PHE E 427 -27.93 -20.91 8.08
CA PHE E 427 -27.22 -22.12 8.50
C PHE E 427 -28.18 -23.21 8.92
N CYS E 428 -29.33 -22.84 9.47
CA CYS E 428 -30.33 -23.79 9.95
C CYS E 428 -31.29 -24.23 8.86
N GLU E 429 -30.90 -24.13 7.59
CA GLU E 429 -31.63 -24.73 6.49
C GLU E 429 -30.96 -26.01 5.97
N ASP E 430 -29.69 -26.22 6.30
CA ASP E 430 -28.97 -27.44 5.98
C ASP E 430 -28.25 -27.92 7.25
N PHE E 431 -29.00 -27.94 8.34
CA PHE E 431 -28.46 -28.22 9.68
C PHE E 431 -29.45 -29.04 10.49
N GLN E 432 -29.12 -30.30 10.76
CA GLN E 432 -29.99 -31.19 11.53
C GLN E 432 -29.23 -31.74 12.72
N VAL E 433 -29.89 -31.78 13.88
CA VAL E 433 -29.42 -32.57 15.00
C VAL E 433 -29.37 -34.04 14.58
N PRO E 434 -30.41 -34.59 13.94
CA PRO E 434 -30.32 -35.98 13.47
C PRO E 434 -29.43 -36.10 12.25
N GLY E 435 -28.92 -37.31 12.05
CA GLY E 435 -28.15 -37.60 10.85
C GLY E 435 -26.78 -36.97 10.84
N ARG E 436 -26.61 -35.93 10.03
CA ARG E 436 -25.30 -35.31 9.85
C ARG E 436 -24.78 -34.73 11.15
N GLY E 437 -23.49 -34.86 11.38
CA GLY E 437 -22.84 -34.24 12.52
C GLY E 437 -22.51 -32.79 12.21
N GLU E 438 -22.00 -32.09 13.23
CA GLU E 438 -21.75 -30.66 13.11
C GLU E 438 -20.74 -30.33 12.02
N LEU E 439 -19.58 -30.97 12.06
CA LEU E 439 -18.53 -30.68 11.08
C LEU E 439 -18.99 -31.06 9.68
N SER E 440 -19.64 -32.22 9.56
CA SER E 440 -20.09 -32.66 8.24
C SER E 440 -21.12 -31.72 7.64
N CYS E 441 -22.09 -31.27 8.44
CA CYS E 441 -23.11 -30.38 7.92
C CYS E 441 -22.54 -28.99 7.64
N LEU E 442 -21.55 -28.56 8.43
CA LEU E 442 -20.87 -27.31 8.13
C LEU E 442 -20.14 -27.39 6.80
N GLN E 443 -19.45 -28.51 6.55
CA GLN E 443 -18.78 -28.69 5.27
C GLN E 443 -19.78 -28.75 4.13
N ASP E 444 -20.93 -29.37 4.37
CA ASP E 444 -21.98 -29.39 3.36
C ASP E 444 -22.49 -27.99 3.06
N ALA E 445 -22.63 -27.15 4.08
CA ALA E 445 -23.12 -25.80 3.88
C ALA E 445 -22.09 -24.91 3.18
N ILE E 446 -20.79 -25.19 3.41
CA ILE E 446 -19.75 -24.33 2.84
C ILE E 446 -19.77 -24.41 1.32
N ASP E 447 -19.79 -25.62 0.77
CA ASP E 447 -19.59 -25.82 -0.65
C ASP E 447 -20.90 -25.86 -1.45
N HIS E 448 -22.06 -25.76 -0.79
CA HIS E 448 -23.34 -25.72 -1.48
C HIS E 448 -23.93 -24.31 -1.50
N SER E 449 -23.16 -23.30 -1.12
CA SER E 449 -23.62 -21.92 -1.10
C SER E 449 -22.71 -21.09 -1.97
N ALA E 450 -23.31 -20.26 -2.83
CA ALA E 450 -22.52 -19.40 -3.70
C ALA E 450 -21.74 -18.36 -2.88
N PHE E 451 -22.37 -17.78 -1.87
CA PHE E 451 -21.73 -16.82 -1.00
C PHE E 451 -21.84 -17.27 0.44
N ILE E 452 -20.81 -17.01 1.23
CA ILE E 452 -20.79 -17.34 2.65
C ILE E 452 -20.71 -16.04 3.44
N ILE E 453 -21.60 -15.88 4.40
CA ILE E 453 -21.73 -14.65 5.18
C ILE E 453 -21.53 -15.01 6.64
N LEU E 454 -20.40 -14.62 7.21
CA LEU E 454 -20.17 -14.82 8.63
C LEU E 454 -20.78 -13.68 9.42
N LEU E 455 -21.59 -14.01 10.41
CA LEU E 455 -22.34 -13.03 11.19
C LEU E 455 -21.60 -12.82 12.51
N LEU E 456 -20.70 -11.84 12.52
CA LEU E 456 -19.95 -11.54 13.74
C LEU E 456 -20.87 -10.99 14.81
N THR E 457 -20.64 -11.41 16.05
CA THR E 457 -21.43 -10.96 17.18
C THR E 457 -20.65 -11.26 18.46
N SER E 458 -21.23 -10.86 19.60
CA SER E 458 -20.57 -11.11 20.87
C SER E 458 -20.56 -12.59 21.23
N ASN E 459 -21.51 -13.36 20.70
CA ASN E 459 -21.58 -14.79 20.92
C ASN E 459 -20.78 -15.59 19.89
N PHE E 460 -20.06 -14.91 19.01
CA PHE E 460 -19.28 -15.53 17.96
C PHE E 460 -17.80 -15.65 18.32
N ASP E 461 -17.50 -15.86 19.59
CA ASP E 461 -16.13 -15.87 20.10
C ASP E 461 -15.63 -17.26 20.51
N CYS E 462 -16.51 -18.24 20.59
CA CYS E 462 -16.11 -19.56 21.07
C CYS E 462 -15.17 -20.23 20.07
N ARG E 463 -14.44 -21.24 20.57
CA ARG E 463 -13.48 -21.94 19.73
C ARG E 463 -14.16 -22.63 18.55
N LEU E 464 -15.41 -23.09 18.75
CA LEU E 464 -16.14 -23.67 17.63
C LEU E 464 -16.37 -22.63 16.54
N SER E 465 -16.72 -21.39 16.94
CA SER E 465 -16.88 -20.31 15.97
C SER E 465 -15.57 -20.01 15.25
N LEU E 466 -14.47 -19.98 15.99
CA LEU E 466 -13.16 -19.74 15.37
C LEU E 466 -12.84 -20.84 14.37
N HIS E 467 -13.14 -22.09 14.71
CA HIS E 467 -12.90 -23.19 13.78
C HIS E 467 -13.77 -23.06 12.54
N GLN E 468 -15.03 -22.64 12.71
CA GLN E 468 -15.90 -22.45 11.56
C GLN E 468 -15.36 -21.37 10.64
N VAL E 469 -14.91 -20.25 11.21
CA VAL E 469 -14.34 -19.17 10.40
C VAL E 469 -13.10 -19.66 9.66
N ASN E 470 -12.22 -20.36 10.38
CA ASN E 470 -11.00 -20.88 9.76
C ASN E 470 -11.33 -21.83 8.63
N GLN E 471 -12.27 -22.75 8.84
CA GLN E 471 -12.63 -23.71 7.81
C GLN E 471 -13.23 -23.02 6.60
N ALA E 472 -14.14 -22.06 6.82
CA ALA E 472 -14.76 -21.36 5.69
C ALA E 472 -13.72 -20.59 4.90
N MET E 473 -12.84 -19.86 5.58
CA MET E 473 -11.83 -19.07 4.89
C MET E 473 -10.88 -19.97 4.11
N MET E 474 -10.43 -21.07 4.73
CA MET E 474 -9.48 -21.96 4.05
C MET E 474 -10.12 -22.65 2.86
N SER E 475 -11.38 -23.07 3.00
CA SER E 475 -12.07 -23.71 1.88
C SER E 475 -12.27 -22.73 0.74
N ASN E 476 -12.60 -21.48 1.05
CA ASN E 476 -12.75 -20.48 0.00
C ASN E 476 -11.42 -20.23 -0.70
N LEU E 477 -10.33 -20.11 0.08
CA LEU E 477 -9.04 -19.76 -0.50
C LEU E 477 -8.46 -20.89 -1.35
N THR E 478 -8.60 -22.13 -0.88
CA THR E 478 -7.98 -23.24 -1.58
C THR E 478 -8.73 -23.63 -2.85
N ARG E 479 -10.06 -23.56 -2.83
CA ARG E 479 -10.85 -24.02 -3.97
C ARG E 479 -10.59 -23.16 -5.20
N GLN E 480 -10.62 -23.79 -6.37
CA GLN E 480 -10.48 -23.07 -7.61
C GLN E 480 -11.75 -22.28 -7.91
N GLY E 481 -11.58 -21.13 -8.55
CA GLY E 481 -12.70 -20.25 -8.79
C GLY E 481 -13.14 -19.56 -7.51
N SER E 482 -14.29 -18.88 -7.60
CA SER E 482 -14.86 -18.13 -6.48
C SER E 482 -13.82 -17.18 -5.92
N PRO E 483 -13.52 -16.08 -6.62
CA PRO E 483 -12.40 -15.21 -6.19
C PRO E 483 -12.51 -14.71 -4.76
N ASP E 484 -13.72 -14.38 -4.31
CA ASP E 484 -13.89 -13.85 -2.96
C ASP E 484 -15.37 -13.97 -2.56
N CYS E 485 -15.65 -14.77 -1.54
CA CYS E 485 -17.02 -15.03 -1.12
C CYS E 485 -17.27 -14.87 0.37
N VAL E 486 -16.26 -15.05 1.23
CA VAL E 486 -16.48 -14.91 2.66
C VAL E 486 -16.70 -13.43 2.98
N ILE E 487 -17.92 -13.07 3.31
CA ILE E 487 -18.32 -11.68 3.50
C ILE E 487 -18.56 -11.46 5.00
N PRO E 488 -17.66 -10.76 5.70
CA PRO E 488 -17.96 -10.40 7.09
C PRO E 488 -19.18 -9.48 7.16
N PHE E 489 -20.05 -9.78 8.11
CA PHE E 489 -21.30 -9.07 8.29
C PHE E 489 -21.32 -8.43 9.67
N LEU E 490 -21.82 -7.20 9.74
CA LEU E 490 -22.00 -6.60 11.06
C LEU E 490 -23.46 -6.17 11.22
N PRO E 491 -24.24 -6.85 12.06
CA PRO E 491 -25.66 -6.51 12.20
C PRO E 491 -25.93 -5.44 13.22
N LEU E 492 -27.21 -5.11 13.41
CA LEU E 492 -27.60 -4.06 14.35
C LEU E 492 -27.22 -4.39 15.78
N GLU E 493 -27.40 -5.65 16.19
CA GLU E 493 -27.24 -6.03 17.59
C GLU E 493 -25.82 -5.87 18.12
N SER E 494 -24.84 -5.72 17.23
CA SER E 494 -23.45 -5.53 17.63
C SER E 494 -22.97 -4.15 17.24
N SER E 495 -21.74 -3.84 17.61
CA SER E 495 -21.09 -2.57 17.33
C SER E 495 -19.70 -2.85 16.80
N PRO E 496 -19.08 -1.88 16.10
CA PRO E 496 -17.73 -2.12 15.59
C PRO E 496 -16.67 -2.04 16.67
N ALA E 497 -17.10 -1.98 17.93
CA ALA E 497 -16.17 -2.00 19.06
C ALA E 497 -16.24 -3.28 19.87
N GLN E 498 -17.33 -4.03 19.78
CA GLN E 498 -17.49 -5.29 20.52
C GLN E 498 -17.16 -6.51 19.67
N LEU E 499 -16.53 -6.32 18.50
CA LEU E 499 -16.17 -7.45 17.66
C LEU E 499 -15.24 -8.40 18.41
N SER E 500 -15.48 -9.70 18.24
CA SER E 500 -14.64 -10.71 18.88
C SER E 500 -13.22 -10.61 18.36
N SER E 501 -12.30 -10.17 19.23
CA SER E 501 -10.93 -9.91 18.79
C SER E 501 -10.30 -11.15 18.19
N ASP E 502 -10.37 -12.28 18.91
CA ASP E 502 -9.72 -13.50 18.44
C ASP E 502 -10.33 -13.98 17.13
N THR E 503 -11.66 -13.90 16.99
CA THR E 503 -12.31 -14.40 15.79
C THR E 503 -12.22 -13.38 14.66
N ALA E 504 -12.56 -12.12 14.91
CA ALA E 504 -12.58 -11.12 13.87
C ALA E 504 -11.19 -10.66 13.44
N SER E 505 -10.14 -11.01 14.21
CA SER E 505 -8.80 -10.69 13.76
C SER E 505 -8.44 -11.45 12.50
N LEU E 506 -9.05 -12.63 12.29
CA LEU E 506 -8.86 -13.36 11.05
C LEU E 506 -9.42 -12.58 9.88
N LEU E 507 -10.57 -11.94 10.06
CA LEU E 507 -11.22 -11.17 9.02
C LEU E 507 -10.84 -9.70 9.02
N SER E 508 -9.90 -9.29 9.88
CA SER E 508 -9.48 -7.90 9.91
C SER E 508 -8.88 -7.46 8.58
N GLY E 509 -8.26 -8.39 7.86
CA GLY E 509 -7.74 -8.07 6.54
C GLY E 509 -8.85 -7.78 5.54
N LEU E 510 -9.92 -8.56 5.57
CA LEU E 510 -10.98 -8.43 4.57
C LEU E 510 -11.86 -7.23 4.89
N VAL E 511 -12.72 -6.89 3.93
CA VAL E 511 -13.69 -5.80 4.08
C VAL E 511 -15.01 -6.38 4.57
N ARG E 512 -15.55 -5.78 5.62
CA ARG E 512 -16.85 -6.16 6.15
C ARG E 512 -17.93 -5.23 5.58
N LEU E 513 -19.17 -5.69 5.60
CA LEU E 513 -20.30 -4.82 5.32
C LEU E 513 -21.04 -4.56 6.62
N ASP E 514 -21.30 -3.29 6.90
CA ASP E 514 -21.92 -2.84 8.13
C ASP E 514 -23.32 -2.32 7.82
N GLU E 515 -24.31 -2.77 8.58
CA GLU E 515 -25.63 -2.18 8.50
C GLU E 515 -25.61 -0.72 8.94
N HIS E 516 -24.63 -0.34 9.77
CA HIS E 516 -24.52 1.04 10.21
C HIS E 516 -24.26 2.01 9.07
N SER E 517 -23.64 1.54 7.99
CA SER E 517 -23.33 2.42 6.87
C SER E 517 -24.60 2.84 6.15
N GLN E 518 -24.61 4.09 5.67
CA GLN E 518 -25.74 4.61 4.91
C GLN E 518 -25.74 4.17 3.46
N ILE E 519 -24.70 3.48 3.02
CA ILE E 519 -24.56 3.07 1.63
C ILE E 519 -24.79 1.56 1.55
N PHE E 520 -25.57 1.04 2.51
CA PHE E 520 -25.75 -0.41 2.64
C PHE E 520 -26.39 -1.00 1.38
N ALA E 521 -27.42 -0.33 0.85
CA ALA E 521 -28.11 -0.87 -0.32
C ALA E 521 -27.18 -0.94 -1.52
N ARG E 522 -26.37 0.10 -1.73
CA ARG E 522 -25.42 0.08 -2.85
C ARG E 522 -24.37 -0.99 -2.64
N LYS E 523 -23.92 -1.19 -1.40
CA LYS E 523 -22.96 -2.25 -1.12
C LYS E 523 -23.54 -3.62 -1.46
N VAL E 524 -24.79 -3.86 -1.07
CA VAL E 524 -25.43 -5.13 -1.39
C VAL E 524 -25.59 -5.30 -2.89
N ALA E 525 -26.01 -4.24 -3.59
CA ALA E 525 -26.17 -4.34 -5.04
C ALA E 525 -24.84 -4.63 -5.73
N ASN E 526 -23.76 -3.97 -5.29
CA ASN E 526 -22.44 -4.25 -5.84
C ASN E 526 -21.97 -5.64 -5.46
N THR E 527 -22.49 -6.19 -4.37
CA THR E 527 -22.03 -7.49 -3.89
C THR E 527 -22.67 -8.62 -4.67
N PHE E 528 -24.00 -8.71 -4.64
CA PHE E 528 -24.74 -9.81 -5.26
C PHE E 528 -25.19 -9.36 -6.65
N LYS E 529 -24.24 -9.34 -7.58
CA LYS E 529 -24.53 -8.99 -8.96
C LYS E 529 -25.24 -10.14 -9.66
N PRO E 530 -25.93 -9.87 -10.76
CA PRO E 530 -26.63 -10.96 -11.48
C PRO E 530 -25.72 -12.11 -11.88
N HIS E 531 -24.49 -11.84 -12.29
CA HIS E 531 -23.55 -12.90 -12.64
C HIS E 531 -22.82 -13.37 -11.39
N ARG E 532 -22.77 -14.69 -11.20
CA ARG E 532 -22.25 -15.27 -9.97
C ARG E 532 -21.73 -16.67 -10.28
N LEU E 533 -21.49 -17.44 -9.23
CA LEU E 533 -20.89 -18.76 -9.35
C LEU E 533 -21.82 -19.73 -10.07
N GLN E 534 -21.24 -20.83 -10.55
CA GLN E 534 -21.97 -21.87 -11.25
C GLN E 534 -21.56 -23.22 -10.68
N ALA E 535 -22.49 -24.17 -10.73
CA ALA E 535 -22.26 -25.53 -10.25
C ALA E 535 -21.06 -26.17 -10.94
N LYS F 393 -17.15 -0.44 -16.21
CA LYS F 393 -15.84 -0.24 -15.63
C LYS F 393 -15.15 0.97 -16.27
N PHE F 394 -13.87 1.17 -15.92
CA PHE F 394 -13.07 2.27 -16.43
C PHE F 394 -13.73 3.62 -16.15
N TYR F 395 -13.90 3.90 -14.86
CA TYR F 395 -14.52 5.14 -14.43
C TYR F 395 -13.61 6.33 -14.72
N ASN F 396 -14.22 7.49 -14.93
CA ASN F 396 -13.46 8.68 -15.30
C ASN F 396 -12.59 9.17 -14.15
N PHE F 397 -13.11 9.17 -12.93
CA PHE F 397 -12.32 9.61 -11.80
C PHE F 397 -12.84 8.96 -10.52
N VAL F 398 -11.93 8.79 -9.57
CA VAL F 398 -12.23 8.16 -8.29
C VAL F 398 -11.71 9.04 -7.16
N ILE F 399 -12.47 9.12 -6.08
CA ILE F 399 -12.12 9.95 -4.93
C ILE F 399 -11.62 9.04 -3.82
N LEU F 400 -10.35 9.16 -3.47
CA LEU F 400 -9.78 8.42 -2.35
C LEU F 400 -9.94 9.24 -1.08
N HIS F 401 -10.49 8.62 -0.04
CA HIS F 401 -10.88 9.33 1.17
C HIS F 401 -10.59 8.44 2.38
N ALA F 402 -10.80 9.01 3.57
CA ALA F 402 -10.62 8.28 4.81
C ALA F 402 -11.89 7.49 5.14
N ARG F 403 -11.77 6.65 6.17
CA ARG F 403 -12.89 5.80 6.57
C ARG F 403 -14.05 6.61 7.13
N ALA F 404 -13.82 7.83 7.60
CA ALA F 404 -14.84 8.60 8.28
C ALA F 404 -15.40 9.75 7.45
N ASP F 405 -15.10 9.81 6.16
CA ASP F 405 -15.48 10.94 5.32
C ASP F 405 -16.16 10.47 4.04
N GLU F 406 -17.09 9.52 4.17
CA GLU F 406 -17.86 9.10 2.99
C GLU F 406 -18.76 10.22 2.49
N HIS F 407 -19.37 10.98 3.41
CA HIS F 407 -20.28 12.05 2.99
C HIS F 407 -19.56 13.13 2.21
N ILE F 408 -18.34 13.49 2.63
CA ILE F 408 -17.57 14.49 1.90
C ILE F 408 -17.24 13.98 0.50
N ALA F 409 -16.88 12.70 0.39
CA ALA F 409 -16.59 12.14 -0.93
C ALA F 409 -17.81 12.16 -1.83
N LEU F 410 -18.97 11.79 -1.29
CA LEU F 410 -20.19 11.81 -2.09
C LEU F 410 -20.54 13.23 -2.52
N ARG F 411 -20.40 14.19 -1.62
CA ARG F 411 -20.69 15.58 -1.95
C ARG F 411 -19.75 16.09 -3.05
N VAL F 412 -18.46 15.78 -2.94
CA VAL F 412 -17.51 16.22 -3.95
C VAL F 412 -17.80 15.55 -5.29
N ARG F 413 -18.17 14.27 -5.27
CA ARG F 413 -18.51 13.60 -6.52
C ARG F 413 -19.72 14.25 -7.18
N GLU F 414 -20.74 14.55 -6.38
CA GLU F 414 -21.92 15.21 -6.95
C GLU F 414 -21.58 16.57 -7.52
N LYS F 415 -20.78 17.36 -6.79
CA LYS F 415 -20.41 18.69 -7.28
C LYS F 415 -19.59 18.58 -8.56
N LEU F 416 -18.65 17.65 -8.62
CA LEU F 416 -17.79 17.54 -9.79
C LEU F 416 -18.55 17.01 -11.00
N GLU F 417 -19.54 16.13 -10.78
CA GLU F 417 -20.40 15.72 -11.87
C GLU F 417 -21.28 16.88 -12.34
N ALA F 418 -21.71 17.74 -11.41
CA ALA F 418 -22.53 18.89 -11.78
C ALA F 418 -21.78 19.82 -12.72
N LEU F 419 -20.46 19.94 -12.56
CA LEU F 419 -19.68 20.83 -13.41
C LEU F 419 -19.62 20.36 -14.86
N GLY F 420 -19.90 19.09 -15.13
CA GLY F 420 -19.95 18.61 -16.49
C GLY F 420 -18.99 17.49 -16.82
N VAL F 421 -18.62 16.70 -15.81
CA VAL F 421 -17.75 15.55 -16.00
C VAL F 421 -18.61 14.29 -15.86
N PRO F 422 -18.88 13.58 -16.96
CA PRO F 422 -19.78 12.43 -16.88
C PRO F 422 -19.12 11.21 -16.24
N ASP F 423 -19.98 10.31 -15.77
CA ASP F 423 -19.56 9.02 -15.22
C ASP F 423 -18.60 9.19 -14.05
N GLY F 424 -19.09 9.83 -12.99
CA GLY F 424 -18.32 9.99 -11.78
C GLY F 424 -18.26 8.71 -10.95
N ALA F 425 -17.40 8.73 -9.95
CA ALA F 425 -17.21 7.57 -9.09
C ALA F 425 -16.56 8.02 -7.79
N THR F 426 -16.52 7.12 -6.82
CA THR F 426 -15.82 7.35 -5.57
C THR F 426 -15.31 6.01 -5.05
N PHE F 427 -14.42 6.08 -4.06
CA PHE F 427 -13.76 4.88 -3.58
C PHE F 427 -14.74 3.88 -2.98
N CYS F 428 -15.87 4.36 -2.48
CA CYS F 428 -16.88 3.48 -1.92
C CYS F 428 -17.85 2.93 -2.97
N GLU F 429 -17.49 2.94 -4.25
CA GLU F 429 -18.27 2.30 -5.29
C GLU F 429 -17.59 1.09 -5.90
N ASP F 430 -16.26 1.05 -5.92
CA ASP F 430 -15.51 -0.16 -6.22
C ASP F 430 -14.94 -0.77 -4.95
N PHE F 431 -15.48 -0.39 -3.79
CA PHE F 431 -15.09 -0.90 -2.48
C PHE F 431 -15.91 -2.16 -2.16
N GLN F 432 -15.75 -3.16 -3.01
CA GLN F 432 -16.52 -4.39 -2.88
C GLN F 432 -16.29 -5.02 -1.52
N VAL F 433 -17.35 -5.51 -0.89
CA VAL F 433 -17.24 -6.07 0.44
C VAL F 433 -16.56 -7.43 0.49
N PRO F 434 -16.82 -8.39 -0.45
CA PRO F 434 -16.28 -9.73 -0.22
C PRO F 434 -14.76 -9.75 -0.32
N GLY F 435 -14.08 -9.91 0.80
CA GLY F 435 -12.64 -9.79 0.78
C GLY F 435 -12.20 -8.41 0.35
N ARG F 436 -11.05 -8.36 -0.33
CA ARG F 436 -10.54 -7.14 -0.94
C ARG F 436 -10.38 -6.03 0.11
N GLY F 437 -9.60 -6.31 1.14
CA GLY F 437 -9.37 -5.34 2.20
C GLY F 437 -8.67 -4.09 1.69
N GLU F 438 -7.48 -4.26 1.17
CA GLU F 438 -6.81 -3.22 0.40
C GLU F 438 -6.08 -3.80 -0.81
N LEU F 439 -6.25 -5.09 -1.09
CA LEU F 439 -5.52 -5.74 -2.16
C LEU F 439 -6.16 -5.45 -3.51
N SER F 440 -7.39 -5.92 -3.71
CA SER F 440 -8.07 -5.77 -4.99
C SER F 440 -9.18 -4.72 -4.95
N CYS F 441 -9.20 -3.86 -3.93
CA CYS F 441 -10.12 -2.73 -3.93
C CYS F 441 -9.38 -1.43 -4.24
N LEU F 442 -8.33 -1.13 -3.46
CA LEU F 442 -7.53 0.05 -3.74
C LEU F 442 -6.81 -0.08 -5.09
N GLN F 443 -6.28 -1.27 -5.37
CA GLN F 443 -5.62 -1.48 -6.66
C GLN F 443 -6.62 -1.41 -7.80
N ASP F 444 -7.84 -1.90 -7.58
CA ASP F 444 -8.88 -1.75 -8.60
C ASP F 444 -9.23 -0.29 -8.83
N ALA F 445 -9.28 0.51 -7.76
CA ALA F 445 -9.54 1.94 -7.91
C ALA F 445 -8.43 2.62 -8.68
N ILE F 446 -7.18 2.26 -8.39
CA ILE F 446 -6.04 2.88 -9.07
C ILE F 446 -6.04 2.50 -10.54
N ASP F 447 -6.24 1.21 -10.83
CA ASP F 447 -6.08 0.71 -12.20
C ASP F 447 -7.25 1.14 -13.09
N HIS F 448 -8.47 1.03 -12.59
CA HIS F 448 -9.67 1.22 -13.40
C HIS F 448 -10.19 2.65 -13.36
N SER F 449 -9.33 3.63 -13.13
CA SER F 449 -9.74 5.02 -13.09
C SER F 449 -8.78 5.84 -13.95
N ALA F 450 -9.31 6.93 -14.51
CA ALA F 450 -8.51 7.79 -15.37
C ALA F 450 -7.81 8.89 -14.59
N PHE F 451 -8.51 9.50 -13.63
CA PHE F 451 -7.96 10.59 -12.82
C PHE F 451 -8.16 10.25 -11.35
N ILE F 452 -7.08 9.89 -10.66
CA ILE F 452 -7.14 9.61 -9.23
C ILE F 452 -7.12 10.92 -8.47
N ILE F 453 -8.10 11.12 -7.60
CA ILE F 453 -8.28 12.37 -6.87
C ILE F 453 -8.15 12.08 -5.39
N LEU F 454 -7.05 12.54 -4.79
CA LEU F 454 -6.86 12.40 -3.35
C LEU F 454 -7.59 13.52 -2.62
N LEU F 455 -8.33 13.16 -1.59
CA LEU F 455 -9.15 14.10 -0.83
C LEU F 455 -8.41 14.45 0.46
N LEU F 456 -7.67 15.55 0.45
CA LEU F 456 -6.87 15.98 1.59
C LEU F 456 -7.80 16.54 2.67
N THR F 457 -8.22 15.66 3.57
CA THR F 457 -9.10 16.02 4.66
C THR F 457 -8.34 15.95 5.98
N SER F 458 -9.06 16.23 7.07
CA SER F 458 -8.45 16.16 8.39
C SER F 458 -8.18 14.71 8.80
N ASN F 459 -9.06 13.79 8.45
CA ASN F 459 -8.90 12.38 8.77
C ASN F 459 -7.95 11.67 7.82
N PHE F 460 -7.25 12.41 6.97
CA PHE F 460 -6.36 11.84 5.96
C PHE F 460 -4.92 11.76 6.45
N ASP F 461 -4.69 11.86 7.75
CA ASP F 461 -3.36 11.82 8.34
C ASP F 461 -2.98 10.45 8.87
N CYS F 462 -3.85 9.46 8.73
CA CYS F 462 -3.56 8.13 9.25
C CYS F 462 -2.46 7.45 8.46
N ARG F 463 -1.85 6.43 9.06
CA ARG F 463 -0.80 5.67 8.37
C ARG F 463 -1.36 4.96 7.15
N LEU F 464 -2.59 4.45 7.24
CA LEU F 464 -3.23 3.83 6.08
C LEU F 464 -3.37 4.83 4.95
N SER F 465 -3.75 6.07 5.27
CA SER F 465 -3.88 7.10 4.25
C SER F 465 -2.53 7.42 3.61
N LEU F 466 -1.47 7.48 4.42
CA LEU F 466 -0.15 7.74 3.87
C LEU F 466 0.29 6.61 2.94
N HIS F 467 0.02 5.36 3.32
CA HIS F 467 0.32 4.25 2.44
C HIS F 467 -0.48 4.32 1.15
N GLN F 468 -1.75 4.73 1.25
CA GLN F 468 -2.57 4.87 0.04
C GLN F 468 -2.00 5.93 -0.88
N VAL F 469 -1.57 7.06 -0.33
CA VAL F 469 -0.98 8.12 -1.14
C VAL F 469 0.28 7.62 -1.82
N ASN F 470 1.14 6.93 -1.08
CA ASN F 470 2.36 6.38 -1.67
C ASN F 470 2.03 5.42 -2.80
N GLN F 471 1.05 4.53 -2.57
CA GLN F 471 0.68 3.55 -3.58
C GLN F 471 0.16 4.23 -4.84
N ALA F 472 -0.73 5.21 -4.67
CA ALA F 472 -1.29 5.91 -5.83
C ALA F 472 -0.21 6.64 -6.61
N MET F 473 0.64 7.39 -5.91
CA MET F 473 1.67 8.17 -6.58
C MET F 473 2.65 7.26 -7.30
N MET F 474 3.09 6.19 -6.65
CA MET F 474 4.09 5.31 -7.27
C MET F 474 3.49 4.53 -8.43
N SER F 475 2.23 4.10 -8.31
CA SER F 475 1.58 3.41 -9.41
C SER F 475 1.42 4.33 -10.61
N ASN F 476 1.06 5.59 -10.37
CA ASN F 476 0.97 6.54 -11.48
C ASN F 476 2.32 6.80 -12.12
N LEU F 477 3.37 6.96 -11.29
CA LEU F 477 4.67 7.34 -11.83
C LEU F 477 5.33 6.19 -12.58
N THR F 478 5.17 4.97 -12.08
CA THR F 478 5.86 3.83 -12.70
C THR F 478 5.22 3.44 -14.03
N ARG F 479 3.89 3.41 -14.09
CA ARG F 479 3.21 2.92 -15.29
C ARG F 479 3.45 3.85 -16.47
N GLN F 480 3.55 3.24 -17.66
CA GLN F 480 3.64 4.04 -18.88
C GLN F 480 2.29 4.62 -19.22
N GLY F 481 2.31 5.81 -19.82
CA GLY F 481 1.08 6.52 -20.09
C GLY F 481 0.53 7.17 -18.84
N SER F 482 -0.68 7.72 -18.96
CA SER F 482 -1.34 8.45 -17.88
C SER F 482 -0.39 9.52 -17.35
N PRO F 483 -0.17 10.59 -18.12
CA PRO F 483 0.95 11.51 -17.83
C PRO F 483 0.96 12.08 -16.42
N ASP F 484 -0.12 12.76 -16.00
CA ASP F 484 -0.12 13.47 -14.73
C ASP F 484 -1.48 13.34 -14.04
N CYS F 485 -1.98 12.10 -13.98
CA CYS F 485 -3.38 11.88 -13.61
C CYS F 485 -3.67 12.27 -12.16
N VAL F 486 -2.74 12.01 -11.23
CA VAL F 486 -3.05 12.19 -9.82
C VAL F 486 -3.33 13.65 -9.50
N ILE F 487 -4.42 13.90 -8.77
CA ILE F 487 -4.87 15.25 -8.47
C ILE F 487 -5.15 15.42 -6.99
N PRO F 488 -4.33 16.15 -6.23
CA PRO F 488 -4.75 16.51 -4.88
C PRO F 488 -5.97 17.41 -4.92
N PHE F 489 -6.86 17.24 -3.94
CA PHE F 489 -8.11 17.99 -3.88
C PHE F 489 -8.26 18.59 -2.50
N LEU F 490 -8.74 19.84 -2.45
CA LEU F 490 -8.97 20.51 -1.17
C LEU F 490 -10.44 20.89 -1.04
N PRO F 491 -11.23 20.18 -0.22
CA PRO F 491 -12.65 20.52 -0.08
C PRO F 491 -12.88 21.66 0.90
N LEU F 492 -14.17 22.02 1.02
CA LEU F 492 -14.56 23.10 1.93
C LEU F 492 -14.25 22.76 3.38
N GLU F 493 -14.53 21.52 3.78
CA GLU F 493 -14.38 21.16 5.19
C GLU F 493 -12.93 21.24 5.66
N SER F 494 -11.98 21.17 4.74
CA SER F 494 -10.58 21.33 5.10
C SER F 494 -10.19 22.80 5.08
N SER F 495 -8.94 23.08 5.39
CA SER F 495 -8.43 24.44 5.45
C SER F 495 -7.08 24.48 4.74
N PRO F 496 -6.64 25.66 4.32
CA PRO F 496 -5.27 25.77 3.79
C PRO F 496 -4.21 25.36 4.79
N ALA F 497 -4.48 25.52 6.08
CA ALA F 497 -3.56 25.10 7.12
C ALA F 497 -3.79 23.67 7.58
N GLN F 498 -4.73 22.96 6.95
CA GLN F 498 -5.01 21.56 7.30
C GLN F 498 -3.92 20.62 6.83
N LEU F 499 -2.93 21.10 6.09
CA LEU F 499 -1.94 20.23 5.49
C LEU F 499 -1.04 19.62 6.56
N SER F 500 -1.40 18.42 7.03
CA SER F 500 -0.54 17.70 7.95
C SER F 500 0.76 17.33 7.26
N SER F 501 1.87 17.43 8.00
CA SER F 501 3.18 17.24 7.38
C SER F 501 3.31 15.85 6.78
N ASP F 502 2.90 14.82 7.55
CA ASP F 502 3.21 13.44 7.19
C ASP F 502 2.63 13.07 5.83
N THR F 503 1.38 13.44 5.57
CA THR F 503 0.72 13.09 4.32
C THR F 503 0.82 14.17 3.26
N ALA F 504 0.57 15.43 3.62
CA ALA F 504 0.56 16.49 2.62
C ALA F 504 1.96 16.90 2.17
N SER F 505 3.00 16.52 2.92
CA SER F 505 4.35 16.84 2.47
C SER F 505 4.70 16.08 1.19
N LEU F 506 4.07 14.92 0.99
CA LEU F 506 4.31 14.16 -0.24
C LEU F 506 3.82 14.93 -1.46
N LEU F 507 2.69 15.63 -1.33
CA LEU F 507 2.12 16.42 -2.41
C LEU F 507 2.45 17.90 -2.29
N SER F 508 3.34 18.27 -1.36
CA SER F 508 3.67 19.69 -1.17
C SER F 508 4.25 20.29 -2.44
N GLY F 509 5.19 19.59 -3.08
CA GLY F 509 5.69 20.07 -4.36
C GLY F 509 4.69 19.91 -5.47
N LEU F 510 3.71 19.03 -5.29
CA LEU F 510 2.70 18.80 -6.30
C LEU F 510 1.64 19.90 -6.23
N VAL F 511 1.02 20.18 -7.36
CA VAL F 511 0.03 21.25 -7.44
C VAL F 511 -1.35 20.67 -7.14
N ARG F 512 -2.15 21.41 -6.39
CA ARG F 512 -3.44 20.95 -5.89
C ARG F 512 -4.58 21.62 -6.65
N LEU F 513 -5.76 21.01 -6.53
CA LEU F 513 -7.01 21.58 -7.02
C LEU F 513 -7.78 22.04 -5.80
N ASP F 514 -7.92 23.35 -5.66
CA ASP F 514 -8.61 23.96 -4.53
C ASP F 514 -9.90 24.57 -5.05
N GLU F 515 -11.03 24.10 -4.53
CA GLU F 515 -12.31 24.70 -4.86
C GLU F 515 -12.66 25.90 -3.99
N HIS F 516 -11.78 26.26 -3.06
CA HIS F 516 -11.94 27.52 -2.34
C HIS F 516 -11.74 28.71 -3.27
N SER F 517 -10.92 28.56 -4.31
CA SER F 517 -10.65 29.65 -5.23
C SER F 517 -11.86 29.92 -6.12
N GLN F 518 -11.92 31.14 -6.65
CA GLN F 518 -13.02 31.57 -7.49
C GLN F 518 -12.89 31.11 -8.94
N ILE F 519 -11.74 30.55 -9.32
CA ILE F 519 -11.52 30.05 -10.67
C ILE F 519 -11.75 28.54 -10.75
N PHE F 520 -12.45 27.97 -9.78
CA PHE F 520 -12.54 26.53 -9.65
C PHE F 520 -13.23 25.89 -10.86
N ALA F 521 -14.29 26.52 -11.37
CA ALA F 521 -15.03 25.93 -12.47
C ALA F 521 -14.20 25.87 -13.75
N ARG F 522 -13.58 26.99 -14.12
CA ARG F 522 -12.71 27.00 -15.28
C ARG F 522 -11.52 26.07 -15.08
N LYS F 523 -11.00 26.01 -13.85
CA LYS F 523 -9.90 25.11 -13.55
C LYS F 523 -10.28 23.66 -13.81
N VAL F 524 -11.47 23.25 -13.34
CA VAL F 524 -11.93 21.88 -13.57
C VAL F 524 -12.14 21.63 -15.05
N ALA F 525 -12.77 22.58 -15.75
CA ALA F 525 -12.93 22.43 -17.19
C ALA F 525 -11.60 22.26 -17.89
N ASN F 526 -10.55 22.90 -17.38
CA ASN F 526 -9.22 22.72 -17.92
C ASN F 526 -8.67 21.33 -17.59
N THR F 527 -8.99 20.81 -16.41
CA THR F 527 -8.46 19.51 -16.01
C THR F 527 -9.02 18.39 -16.87
N PHE F 528 -10.34 18.19 -16.85
CA PHE F 528 -10.98 17.07 -17.52
C PHE F 528 -11.40 17.48 -18.93
N LYS F 529 -10.40 17.54 -19.81
CA LYS F 529 -10.64 17.85 -21.21
C LYS F 529 -11.34 16.67 -21.88
N PRO F 530 -12.05 16.91 -23.00
CA PRO F 530 -12.71 15.80 -23.69
C PRO F 530 -11.78 14.68 -24.10
N HIS F 531 -10.55 15.00 -24.52
CA HIS F 531 -9.58 13.97 -24.85
C HIS F 531 -8.88 13.49 -23.58
N ARG F 532 -8.80 12.18 -23.40
CA ARG F 532 -8.29 11.61 -22.16
C ARG F 532 -7.76 10.21 -22.44
N LEU F 533 -7.56 9.44 -21.37
CA LEU F 533 -6.94 8.13 -21.46
C LEU F 533 -7.84 7.15 -22.20
N GLN F 534 -7.21 6.15 -22.83
CA GLN F 534 -7.90 5.06 -23.48
C GLN F 534 -8.08 3.92 -22.50
N ALA F 535 -8.46 2.74 -23.00
CA ALA F 535 -8.60 1.55 -22.17
C ALA F 535 -7.24 1.05 -21.71
#